data_7AHC
#
_entry.id   7AHC
#
_cell.length_a   1.00
_cell.length_b   1.00
_cell.length_c   1.00
_cell.angle_alpha   90.00
_cell.angle_beta   90.00
_cell.angle_gamma   90.00
#
_symmetry.space_group_name_H-M   'P 1'
#
loop_
_entity.id
_entity.type
_entity.pdbx_description
1 polymer 'ABC transporter permease subunit'
2 polymer 'ABC-type proline/glycine betaine transport system ATPase component'
#
loop_
_entity_poly.entity_id
_entity_poly.type
_entity_poly.pdbx_seq_one_letter_code
_entity_poly.pdbx_strand_id
1 'polypeptide(L)'
;MIDLAIGQVPIANWVSSATDWITSTFSSGFDVIQKSGTVLMNGITGALTAVPFWLMIAVVTILAILVSGKKIAFPLFTFI
GLSLIANQGLWSDLMSTITLVLLSSLLSIIIGVPLGIWMAKSDLVAKIVQPILDFMQTMPGFVYLIPAVAFFGIGVVPGV
FASVIFALPPTVRMTNLGIRQVSTELVEAADSFGSTARQKLFKLEFPLAKGTIMAGVNQTIMLALSMVVIASMIGAPGLG
RGVLAAVQSADIGKGFVSGISLVILAIIIDRFTQKLNVSPLEKQGNPTVKKWKRGIALVSLLALIIGAFSGMSFGKTASD
KKVDLVYMNWDSEVASINVLTQAMKEHGFDVKTTALDNAVAWQTVANGQADGMVSAWLPNTHKTQWQKYGKSVDLLGPNL
KGAKVGFVVPSYMNVNSIEDLTNQANKTITGIEPGAGVMAASEKTLNSYDNLKDWKLVPSSSGAMTVALGEAIKQHKDIV
ITGWSPHWMFNKYDLKYLADPKGTMGTSENINTIVRKGLKKENPEAYKVLDKFNWTTKDMEAVMLDIQNGKTPEEAAKNW
IKDHQKEVDKWFKGSIEGRHHHHHH
;
A,B
2 'polypeptide(L)'
;MAVKIKIEHLTKIFGKRIKTALTMVEKGEPKNEILKKTGATVGVYDTNFEINEGEIFVIMGLSGSGKSTLLRLLNRLIEP
TSGKIFIDNQDVATLNKEDLLQVRRKTMSMVFQNFGLFPHRTILENTEYGLEVQNVPKEERRKRAEKALDNANLLDFKDQ
YPKQLSGGMQQRVGLARALANDPEILLMDEAFSALDPLIRREMQDELLELQAKFQKTIIFVSHDLNEALRIGDRIAIMKD
GKIMQIGTGEEILTNPANDYVKTFVEDVDRAKVITAENIMIPALTTNIDVDGPSVALKKMKTEEVSSLMAVDKKRQFRGV
VTSEQAIAARKNNQPLKDVMTTDVGTVSKEMLVRDILPIIYDAPTPLAVVDDNGFLKGVLIRGSVLEALADIPDEDEVEE
IEKEEENK
;
D,C
#
# COMPACT_ATOMS: atom_id res chain seq x y z
N GLY A 7 -4.30 19.16 46.37
CA GLY A 7 -3.22 18.56 45.61
C GLY A 7 -2.96 17.11 46.02
N GLN A 8 -2.77 16.25 45.04
CA GLN A 8 -2.47 14.85 45.26
C GLN A 8 -1.41 14.38 44.29
N VAL A 9 -0.43 13.64 44.78
CA VAL A 9 0.67 13.14 43.95
C VAL A 9 0.98 11.71 44.38
N PRO A 10 0.04 10.77 44.25
CA PRO A 10 0.23 9.45 44.86
C PRO A 10 0.99 8.44 44.02
N ILE A 11 1.08 8.62 42.71
CA ILE A 11 1.50 7.53 41.82
C ILE A 11 2.95 7.13 42.11
N ALA A 12 3.87 8.07 41.97
CA ALA A 12 5.30 7.79 42.07
C ALA A 12 5.62 6.80 43.17
N ASN A 13 5.01 6.97 44.34
CA ASN A 13 5.27 6.07 45.45
C ASN A 13 4.79 4.66 45.12
N TRP A 14 3.58 4.53 44.60
CA TRP A 14 3.06 3.23 44.23
C TRP A 14 3.98 2.54 43.22
N VAL A 15 4.45 3.30 42.24
CA VAL A 15 5.25 2.70 41.17
C VAL A 15 6.60 2.25 41.71
N SER A 16 7.26 3.12 42.47
CA SER A 16 8.55 2.73 43.03
C SER A 16 8.40 1.54 43.98
N SER A 17 7.29 1.49 44.72
CA SER A 17 7.05 0.36 45.60
C SER A 17 6.89 -0.93 44.82
N ALA A 18 6.05 -0.91 43.78
CA ALA A 18 5.86 -2.10 42.97
C ALA A 18 7.16 -2.54 42.32
N THR A 19 7.96 -1.58 41.86
CA THR A 19 9.20 -1.93 41.20
C THR A 19 10.20 -2.53 42.18
N ASP A 20 10.27 -1.98 43.39
CA ASP A 20 11.10 -2.58 44.42
C ASP A 20 10.64 -3.99 44.73
N TRP A 21 9.32 -4.19 44.85
CA TRP A 21 8.80 -5.51 45.13
C TRP A 21 9.21 -6.50 44.05
N ILE A 22 9.06 -6.11 42.78
CA ILE A 22 9.45 -6.99 41.68
C ILE A 22 10.94 -7.28 41.75
N THR A 23 11.76 -6.24 41.65
CA THR A 23 13.20 -6.42 41.61
C THR A 23 13.78 -7.01 42.89
N SER A 24 12.97 -7.20 43.93
CA SER A 24 13.39 -7.89 45.13
C SER A 24 12.94 -9.35 45.17
N THR A 25 11.70 -9.62 44.78
CA THR A 25 11.16 -10.97 44.83
C THR A 25 11.53 -11.80 43.60
N PHE A 26 12.06 -11.18 42.55
CA PHE A 26 12.44 -11.88 41.34
C PHE A 26 13.92 -11.75 41.04
N SER A 27 14.69 -11.17 41.95
CA SER A 27 16.12 -10.96 41.71
C SER A 27 16.80 -12.24 41.21
N SER A 28 16.25 -13.40 41.56
CA SER A 28 16.80 -14.66 41.08
C SER A 28 16.87 -14.68 39.56
N GLY A 29 15.92 -14.04 38.90
CA GLY A 29 15.90 -14.01 37.45
C GLY A 29 16.70 -12.86 36.89
N PHE A 30 16.67 -11.71 37.56
CA PHE A 30 17.34 -10.53 37.04
C PHE A 30 18.86 -10.67 37.12
N ASP A 31 19.38 -11.26 38.19
CA ASP A 31 20.82 -11.49 38.26
C ASP A 31 21.27 -12.43 37.16
N VAL A 32 20.48 -13.47 36.90
CA VAL A 32 20.81 -14.43 35.85
C VAL A 32 20.80 -13.74 34.50
N ILE A 33 19.79 -12.92 34.25
CA ILE A 33 19.69 -12.22 32.98
C ILE A 33 20.87 -11.27 32.81
N GLN A 34 21.26 -10.58 33.88
CA GLN A 34 22.39 -9.68 33.81
C GLN A 34 23.66 -10.44 33.46
N LYS A 35 23.91 -11.54 34.15
CA LYS A 35 25.08 -12.36 33.86
C LYS A 35 25.07 -12.80 32.40
N SER A 36 23.95 -13.35 31.94
CA SER A 36 23.88 -13.85 30.58
C SER A 36 24.11 -12.72 29.57
N GLY A 37 23.50 -11.57 29.79
CA GLY A 37 23.67 -10.47 28.87
C GLY A 37 25.10 -10.00 28.79
N THR A 38 25.72 -9.77 29.95
CA THR A 38 27.08 -9.28 29.95
C THR A 38 28.04 -10.28 29.32
N VAL A 39 27.83 -11.58 29.58
CA VAL A 39 28.76 -12.56 29.04
C VAL A 39 28.56 -12.70 27.54
N LEU A 40 27.30 -12.76 27.07
CA LEU A 40 27.06 -12.80 25.64
C LEU A 40 27.69 -11.60 24.95
N MET A 41 27.50 -10.41 25.50
CA MET A 41 28.04 -9.21 24.88
C MET A 41 29.56 -9.28 24.80
N ASN A 42 30.22 -9.48 25.94
CA ASN A 42 31.67 -9.51 25.93
C ASN A 42 32.24 -10.77 25.30
N GLY A 43 31.40 -11.70 24.86
CA GLY A 43 31.87 -12.87 24.17
C GLY A 43 31.78 -12.73 22.66
N ILE A 44 30.62 -12.32 22.16
CA ILE A 44 30.43 -12.17 20.72
C ILE A 44 30.78 -10.78 20.24
N THR A 45 31.41 -9.97 21.08
CA THR A 45 31.99 -8.70 20.65
C THR A 45 33.50 -8.70 20.70
N GLY A 46 34.10 -9.70 21.33
CA GLY A 46 35.54 -9.78 21.46
C GLY A 46 36.13 -11.01 20.80
N ALA A 47 35.36 -12.08 20.73
CA ALA A 47 35.80 -13.34 20.15
C ALA A 47 35.14 -13.63 18.81
N LEU A 48 33.81 -13.64 18.76
CA LEU A 48 33.13 -13.79 17.48
C LEU A 48 33.39 -12.59 16.59
N THR A 49 33.91 -11.51 17.16
CA THR A 49 34.26 -10.30 16.42
C THR A 49 35.54 -9.75 17.03
N ALA A 50 35.85 -8.49 16.71
CA ALA A 50 37.07 -7.84 17.19
C ALA A 50 38.31 -8.61 16.73
N VAL A 51 38.25 -9.04 15.47
CA VAL A 51 39.34 -9.76 14.82
C VAL A 51 39.85 -8.84 13.71
N PRO A 52 40.89 -9.23 12.95
CA PRO A 52 41.54 -8.28 12.04
C PRO A 52 40.58 -7.37 11.30
N PHE A 53 40.74 -6.06 11.49
CA PHE A 53 39.87 -5.07 10.90
C PHE A 53 40.19 -4.77 9.45
N TRP A 54 41.04 -5.58 8.81
CA TRP A 54 41.25 -5.52 7.37
C TRP A 54 40.74 -6.77 6.67
N LEU A 55 40.37 -7.79 7.42
CA LEU A 55 39.79 -8.99 6.86
C LEU A 55 38.28 -8.99 6.93
N MET A 56 37.70 -8.28 7.89
CA MET A 56 36.25 -8.20 8.00
C MET A 56 35.69 -7.20 7.00
N ILE A 57 36.34 -6.06 6.83
CA ILE A 57 35.85 -5.09 5.87
C ILE A 57 35.98 -5.65 4.46
N ALA A 58 36.97 -6.50 4.22
CA ALA A 58 37.11 -7.13 2.91
C ALA A 58 35.98 -8.13 2.68
N VAL A 59 35.68 -8.95 3.68
CA VAL A 59 34.55 -9.87 3.58
C VAL A 59 33.28 -9.10 3.24
N VAL A 60 33.04 -8.01 3.97
CA VAL A 60 31.81 -7.26 3.75
C VAL A 60 31.83 -6.62 2.38
N THR A 61 32.99 -6.18 1.91
CA THR A 61 33.08 -5.58 0.59
C THR A 61 32.71 -6.59 -0.49
N ILE A 62 33.24 -7.81 -0.39
CA ILE A 62 32.93 -8.80 -1.41
C ILE A 62 31.49 -9.24 -1.31
N LEU A 63 30.92 -9.27 -0.11
CA LEU A 63 29.51 -9.61 0.03
C LEU A 63 28.64 -8.54 -0.61
N ALA A 64 29.00 -7.27 -0.43
CA ALA A 64 28.31 -6.19 -1.11
C ALA A 64 28.43 -6.33 -2.62
N ILE A 65 29.61 -6.72 -3.09
CA ILE A 65 29.80 -6.97 -4.51
C ILE A 65 28.83 -8.04 -4.99
N LEU A 66 28.80 -9.17 -4.28
CA LEU A 66 27.86 -10.24 -4.61
C LEU A 66 26.45 -9.69 -4.74
N VAL A 67 25.91 -9.13 -3.66
CA VAL A 67 24.52 -8.66 -3.69
C VAL A 67 24.31 -7.47 -4.61
N SER A 68 25.37 -6.90 -5.16
CA SER A 68 25.25 -5.78 -6.08
C SER A 68 25.58 -6.14 -7.52
N GLY A 69 26.41 -7.16 -7.74
CA GLY A 69 26.69 -7.62 -9.09
C GLY A 69 27.71 -6.79 -9.83
N LYS A 70 27.30 -5.61 -10.29
CA LYS A 70 28.16 -4.76 -11.10
C LYS A 70 28.30 -3.38 -10.48
N LYS A 71 27.25 -2.93 -9.79
CA LYS A 71 27.28 -1.63 -9.14
C LYS A 71 28.38 -1.60 -8.08
N ILE A 72 29.29 -0.63 -8.18
CA ILE A 72 30.45 -0.56 -7.32
C ILE A 72 30.32 0.53 -6.26
N ALA A 73 29.24 1.30 -6.28
CA ALA A 73 29.07 2.36 -5.29
C ALA A 73 29.02 1.80 -3.88
N PHE A 74 28.21 0.77 -3.66
CA PHE A 74 27.97 0.25 -2.33
C PHE A 74 29.22 -0.46 -1.80
N PRO A 75 29.93 -1.23 -2.63
CA PRO A 75 31.22 -1.77 -2.18
C PRO A 75 32.25 -0.68 -1.89
N LEU A 76 32.32 0.34 -2.72
CA LEU A 76 33.23 1.45 -2.45
C LEU A 76 32.89 2.11 -1.12
N PHE A 77 31.60 2.17 -0.80
CA PHE A 77 31.19 2.74 0.48
C PHE A 77 31.64 1.85 1.63
N THR A 78 31.35 0.55 1.53
CA THR A 78 31.77 -0.37 2.58
C THR A 78 33.26 -0.28 2.83
N PHE A 79 34.06 -0.21 1.77
CA PHE A 79 35.51 -0.18 1.96
C PHE A 79 35.97 1.18 2.47
N ILE A 80 35.49 2.28 1.88
CA ILE A 80 35.89 3.62 2.25
C ILE A 80 35.05 4.07 3.43
N GLY A 81 34.24 3.16 3.97
CA GLY A 81 33.49 3.34 5.19
C GLY A 81 34.21 2.68 6.35
N LEU A 82 33.87 1.44 6.63
CA LEU A 82 34.47 0.67 7.71
C LEU A 82 35.95 0.97 7.87
N SER A 83 36.68 1.05 6.76
CA SER A 83 38.08 1.42 6.83
C SER A 83 38.24 2.83 7.39
N LEU A 84 37.35 3.73 7.00
CA LEU A 84 37.35 5.07 7.56
C LEU A 84 37.18 5.02 9.08
N ILE A 85 36.19 4.27 9.54
CA ILE A 85 35.99 4.07 10.97
C ILE A 85 37.30 3.62 11.61
N ALA A 86 37.82 2.48 11.16
CA ALA A 86 39.04 1.92 11.73
C ALA A 86 40.14 2.97 11.83
N ASN A 87 40.40 3.68 10.72
CA ASN A 87 41.41 4.73 10.75
C ASN A 87 41.11 5.74 11.84
N GLN A 88 39.82 6.05 12.04
CA GLN A 88 39.45 6.99 13.09
C GLN A 88 39.49 6.34 14.47
N GLY A 89 39.73 5.04 14.54
CA GLY A 89 39.87 4.36 15.82
C GLY A 89 38.56 4.11 16.54
N LEU A 90 37.57 3.60 15.82
CA LEU A 90 36.26 3.33 16.37
C LEU A 90 35.78 1.94 15.97
N TRP A 91 36.71 1.02 15.79
CA TRP A 91 36.34 -0.34 15.43
C TRP A 91 35.83 -1.13 16.62
N SER A 92 36.38 -0.90 17.80
CA SER A 92 35.94 -1.60 18.99
C SER A 92 34.59 -1.11 19.49
N ASP A 93 34.16 0.08 19.07
CA ASP A 93 32.85 0.59 19.40
C ASP A 93 31.82 0.29 18.32
N LEU A 94 32.24 -0.25 17.19
CA LEU A 94 31.33 -0.74 16.16
C LEU A 94 31.05 -2.22 16.31
N MET A 95 32.02 -2.98 16.81
CA MET A 95 31.74 -4.37 17.15
C MET A 95 30.64 -4.43 18.20
N SER A 96 30.79 -3.66 19.27
CA SER A 96 29.63 -3.24 20.03
C SER A 96 28.85 -2.23 19.20
N THR A 97 27.55 -2.14 19.48
CA THR A 97 26.58 -1.51 18.61
C THR A 97 26.19 -2.42 17.46
N ILE A 98 26.84 -3.56 17.32
CA ILE A 98 26.44 -4.60 16.41
C ILE A 98 25.94 -5.81 17.16
N THR A 99 26.70 -6.27 18.16
CA THR A 99 26.19 -7.31 19.04
C THR A 99 24.90 -6.85 19.72
N LEU A 100 24.77 -5.55 19.94
CA LEU A 100 23.57 -5.04 20.57
C LEU A 100 22.37 -5.12 19.64
N VAL A 101 22.52 -4.61 18.41
CA VAL A 101 21.43 -4.74 17.45
C VAL A 101 21.22 -6.19 17.09
N LEU A 102 22.29 -6.98 17.07
CA LEU A 102 22.15 -8.41 16.81
C LEU A 102 21.26 -9.07 17.85
N LEU A 103 21.60 -8.91 19.13
CA LEU A 103 20.83 -9.53 20.18
C LEU A 103 19.42 -8.97 20.24
N SER A 104 19.27 -7.66 20.07
CA SER A 104 17.95 -7.06 20.11
C SER A 104 17.07 -7.58 18.99
N SER A 105 17.62 -7.70 17.79
CA SER A 105 16.86 -8.23 16.66
C SER A 105 16.52 -9.69 16.88
N LEU A 106 17.46 -10.47 17.39
CA LEU A 106 17.19 -11.89 17.64
C LEU A 106 16.08 -12.05 18.65
N LEU A 107 16.13 -11.29 19.75
CA LEU A 107 15.09 -11.37 20.77
C LEU A 107 13.75 -10.89 20.23
N SER A 108 13.75 -9.77 19.50
CA SER A 108 12.51 -9.26 18.94
C SER A 108 11.90 -10.27 17.99
N ILE A 109 12.73 -10.96 17.22
CA ILE A 109 12.25 -12.00 16.33
C ILE A 109 11.64 -13.13 17.14
N ILE A 110 12.43 -13.73 18.03
CA ILE A 110 11.99 -14.83 18.86
C ILE A 110 10.69 -14.50 19.58
N ILE A 111 10.46 -13.23 19.88
CA ILE A 111 9.28 -12.85 20.65
C ILE A 111 8.11 -12.47 19.74
N GLY A 112 8.37 -12.01 18.53
CA GLY A 112 7.33 -11.55 17.66
C GLY A 112 6.80 -12.62 16.75
N VAL A 113 7.71 -13.29 16.05
CA VAL A 113 7.35 -14.30 15.08
C VAL A 113 6.38 -15.29 15.73
N PRO A 114 6.72 -15.90 16.86
CA PRO A 114 5.70 -16.70 17.57
C PRO A 114 4.43 -15.94 17.88
N LEU A 115 4.56 -14.74 18.43
CA LEU A 115 3.39 -13.92 18.70
C LEU A 115 2.66 -13.57 17.41
N GLY A 116 3.38 -13.45 16.30
CA GLY A 116 2.73 -13.21 15.03
C GLY A 116 1.91 -14.40 14.59
N ILE A 117 2.44 -15.60 14.76
CA ILE A 117 1.65 -16.80 14.47
C ILE A 117 0.40 -16.82 15.33
N TRP A 118 0.57 -16.63 16.63
CA TRP A 118 -0.57 -16.64 17.54
C TRP A 118 -1.61 -15.61 17.15
N MET A 119 -1.17 -14.48 16.61
CA MET A 119 -2.10 -13.46 16.17
C MET A 119 -2.75 -13.81 14.85
N ALA A 120 -2.08 -14.61 14.03
CA ALA A 120 -2.65 -15.02 12.76
C ALA A 120 -3.69 -16.11 12.93
N LYS A 121 -3.46 -17.04 13.86
CA LYS A 121 -4.44 -18.09 14.10
C LYS A 121 -5.70 -17.53 14.74
N SER A 122 -5.57 -16.97 15.94
CA SER A 122 -6.70 -16.35 16.61
C SER A 122 -6.91 -14.93 16.08
N ASP A 123 -8.17 -14.58 15.86
CA ASP A 123 -8.52 -13.24 15.42
C ASP A 123 -8.72 -12.27 16.57
N LEU A 124 -9.20 -12.76 17.71
CA LEU A 124 -9.34 -11.89 18.88
C LEU A 124 -7.99 -11.44 19.39
N VAL A 125 -6.99 -12.33 19.33
CA VAL A 125 -5.64 -11.95 19.73
C VAL A 125 -5.15 -10.78 18.88
N ALA A 126 -5.42 -10.82 17.58
CA ALA A 126 -5.03 -9.72 16.72
C ALA A 126 -5.80 -8.45 17.05
N LYS A 127 -7.12 -8.57 17.17
CA LYS A 127 -7.93 -7.41 17.56
C LYS A 127 -7.40 -6.77 18.83
N ILE A 128 -6.83 -7.58 19.72
CA ILE A 128 -6.22 -7.06 20.93
C ILE A 128 -4.91 -6.36 20.62
N VAL A 129 -4.00 -7.06 19.94
CA VAL A 129 -2.60 -6.65 19.93
C VAL A 129 -2.33 -5.57 18.90
N GLN A 130 -2.87 -5.71 17.70
CA GLN A 130 -2.60 -4.73 16.64
C GLN A 130 -2.78 -3.29 17.11
N PRO A 131 -3.87 -2.91 17.75
CA PRO A 131 -3.95 -1.55 18.30
C PRO A 131 -2.90 -1.31 19.36
N ILE A 132 -2.58 -2.33 20.15
CA ILE A 132 -1.49 -2.22 21.12
C ILE A 132 -0.17 -1.98 20.40
N LEU A 133 0.00 -2.60 19.23
CA LEU A 133 1.26 -2.42 18.50
C LEU A 133 1.34 -1.01 17.92
N ASP A 134 0.21 -0.46 17.48
CA ASP A 134 0.23 0.94 17.06
C ASP A 134 0.43 1.87 18.26
N PHE A 135 -0.09 1.47 19.42
CA PHE A 135 0.13 2.20 20.66
C PHE A 135 1.60 2.23 21.02
N MET A 136 2.33 1.15 20.72
CA MET A 136 3.74 1.05 21.05
C MET A 136 4.65 1.60 19.95
N GLN A 137 4.14 1.74 18.73
CA GLN A 137 4.92 2.29 17.62
C GLN A 137 4.63 3.76 17.39
N THR A 138 3.61 4.30 18.03
CA THR A 138 3.35 5.74 17.99
C THR A 138 4.07 6.46 19.12
N MET A 139 4.10 5.86 20.30
CA MET A 139 4.71 6.51 21.44
C MET A 139 6.19 6.78 21.17
N PRO A 140 6.76 7.81 21.79
CA PRO A 140 8.19 8.01 21.71
C PRO A 140 8.95 6.88 22.40
N GLY A 141 10.09 6.51 21.82
CA GLY A 141 10.86 5.41 22.35
C GLY A 141 11.67 5.77 23.58
N PHE A 142 11.91 7.06 23.81
CA PHE A 142 12.67 7.47 24.97
C PHE A 142 12.03 6.98 26.27
N VAL A 143 10.72 6.73 26.25
CA VAL A 143 10.02 6.29 27.46
C VAL A 143 10.10 4.79 27.66
N TYR A 144 10.82 4.06 26.80
CA TYR A 144 11.09 2.66 27.01
C TYR A 144 12.32 2.43 27.87
N LEU A 145 12.89 3.49 28.42
CA LEU A 145 14.08 3.41 29.24
C LEU A 145 13.73 3.24 30.71
N ILE A 146 12.65 3.86 31.15
CA ILE A 146 12.17 3.72 32.52
C ILE A 146 12.01 2.24 32.84
N PRO A 147 11.23 1.49 32.09
CA PRO A 147 11.06 0.07 32.39
C PRO A 147 12.35 -0.74 32.22
N ALA A 148 13.42 -0.08 31.78
CA ALA A 148 14.71 -0.74 31.62
C ALA A 148 15.62 -0.50 32.82
N VAL A 149 15.82 0.76 33.19
CA VAL A 149 16.64 1.05 34.36
C VAL A 149 15.92 0.70 35.64
N ALA A 150 14.60 0.55 35.59
CA ALA A 150 13.86 0.22 36.80
C ALA A 150 14.10 -1.23 37.20
N PHE A 151 14.27 -2.11 36.21
CA PHE A 151 14.46 -3.54 36.45
C PHE A 151 15.92 -3.94 36.36
N PHE A 152 16.58 -3.66 35.24
CA PHE A 152 17.95 -4.06 35.01
C PHE A 152 18.94 -2.95 35.26
N GLY A 153 18.50 -1.83 35.83
CA GLY A 153 19.41 -0.73 36.04
C GLY A 153 20.04 -0.31 34.73
N ILE A 154 21.20 0.34 34.84
CA ILE A 154 21.94 0.73 33.66
C ILE A 154 22.80 -0.44 33.21
N GLY A 155 23.27 -0.36 31.97
CA GLY A 155 24.16 -1.35 31.43
C GLY A 155 23.80 -1.68 30.00
N VAL A 156 24.05 -2.93 29.65
CA VAL A 156 23.82 -3.43 28.30
C VAL A 156 22.44 -4.02 28.14
N VAL A 157 22.07 -4.94 29.03
CA VAL A 157 20.80 -5.64 28.97
C VAL A 157 19.63 -4.66 29.02
N PRO A 158 19.72 -3.50 29.70
CA PRO A 158 18.61 -2.56 29.58
C PRO A 158 18.48 -1.96 28.19
N GLY A 159 19.59 -1.62 27.55
CA GLY A 159 19.54 -1.20 26.17
C GLY A 159 18.93 -2.28 25.29
N VAL A 160 19.30 -3.53 25.53
CA VAL A 160 18.75 -4.64 24.76
C VAL A 160 17.24 -4.74 24.97
N PHE A 161 16.79 -4.57 26.21
CA PHE A 161 15.37 -4.67 26.52
C PHE A 161 14.60 -3.56 25.83
N ALA A 162 15.10 -2.33 25.94
CA ALA A 162 14.46 -1.21 25.27
C ALA A 162 14.39 -1.44 23.77
N SER A 163 15.46 -1.99 23.20
CA SER A 163 15.47 -2.22 21.76
C SER A 163 14.46 -3.28 21.36
N VAL A 164 14.41 -4.41 22.09
CA VAL A 164 13.51 -5.48 21.68
C VAL A 164 12.06 -5.04 21.85
N ILE A 165 11.77 -4.21 22.85
CA ILE A 165 10.40 -3.76 23.05
C ILE A 165 10.08 -2.55 22.20
N PHE A 166 11.07 -1.93 21.57
CA PHE A 166 10.86 -0.83 20.65
C PHE A 166 10.82 -1.28 19.20
N ALA A 167 11.49 -2.38 18.89
CA ALA A 167 11.59 -2.89 17.53
C ALA A 167 10.61 -4.03 17.24
N LEU A 168 9.94 -4.54 18.26
CA LEU A 168 9.06 -5.70 18.09
C LEU A 168 7.89 -5.45 17.16
N PRO A 169 7.20 -4.33 17.21
CA PRO A 169 5.91 -4.19 16.53
C PRO A 169 5.97 -4.61 15.07
N PRO A 170 6.85 -4.01 14.26
CA PRO A 170 6.81 -4.29 12.82
C PRO A 170 6.98 -5.76 12.49
N THR A 171 7.88 -6.44 13.18
CA THR A 171 8.05 -7.87 13.00
C THR A 171 6.72 -8.59 13.19
N VAL A 172 6.06 -8.32 14.30
CA VAL A 172 4.79 -8.97 14.61
C VAL A 172 3.77 -8.68 13.52
N ARG A 173 3.66 -7.41 13.12
CA ARG A 173 2.64 -7.03 12.16
C ARG A 173 2.86 -7.72 10.83
N MET A 174 4.08 -7.63 10.30
CA MET A 174 4.35 -8.22 9.00
C MET A 174 4.30 -9.74 9.05
N THR A 175 4.61 -10.34 10.20
CA THR A 175 4.43 -11.78 10.35
C THR A 175 2.96 -12.15 10.25
N ASN A 176 2.12 -11.52 11.06
CA ASN A 176 0.68 -11.74 10.97
C ASN A 176 0.23 -11.60 9.52
N LEU A 177 0.66 -10.54 8.85
CA LEU A 177 0.30 -10.35 7.45
C LEU A 177 0.71 -11.56 6.61
N GLY A 178 2.01 -11.80 6.50
CA GLY A 178 2.50 -12.89 5.67
C GLY A 178 1.90 -14.24 5.99
N ILE A 179 1.34 -14.39 7.18
CA ILE A 179 0.68 -15.64 7.53
C ILE A 179 -0.77 -15.63 7.05
N ARG A 180 -1.54 -14.64 7.51
CA ARG A 180 -2.91 -14.50 7.03
C ARG A 180 -2.99 -13.58 5.83
N GLN A 181 -2.11 -13.84 4.87
CA GLN A 181 -2.29 -13.36 3.51
C GLN A 181 -1.90 -14.42 2.49
N VAL A 182 -1.40 -15.57 2.94
CA VAL A 182 -1.19 -16.70 2.05
C VAL A 182 -2.55 -17.27 1.65
N SER A 183 -2.74 -17.50 0.36
CA SER A 183 -4.07 -17.75 -0.15
C SER A 183 -4.68 -19.00 0.47
N THR A 184 -5.91 -18.86 0.96
CA THR A 184 -6.56 -19.94 1.71
C THR A 184 -6.56 -21.26 0.96
N GLU A 185 -6.41 -21.24 -0.37
CA GLU A 185 -6.50 -22.49 -1.12
C GLU A 185 -5.32 -23.40 -0.78
N LEU A 186 -4.11 -22.83 -0.65
CA LEU A 186 -2.97 -23.64 -0.26
C LEU A 186 -3.16 -24.23 1.12
N VAL A 187 -3.80 -23.48 2.03
CA VAL A 187 -4.04 -24.01 3.36
C VAL A 187 -5.05 -25.15 3.30
N GLU A 188 -6.07 -25.02 2.46
CA GLU A 188 -6.99 -26.13 2.24
C GLU A 188 -6.23 -27.35 1.74
N ALA A 189 -5.33 -27.13 0.78
CA ALA A 189 -4.56 -28.23 0.22
C ALA A 189 -3.73 -28.92 1.28
N ALA A 190 -3.06 -28.14 2.12
CA ALA A 190 -2.18 -28.71 3.12
C ALA A 190 -2.96 -29.36 4.26
N ASP A 191 -4.17 -28.88 4.51
CA ASP A 191 -5.02 -29.48 5.54
C ASP A 191 -5.73 -30.72 5.06
N SER A 192 -5.93 -30.87 3.74
CA SER A 192 -6.58 -32.05 3.22
C SER A 192 -5.71 -33.29 3.32
N PHE A 193 -4.40 -33.11 3.31
CA PHE A 193 -3.45 -34.20 3.45
C PHE A 193 -2.99 -34.41 4.88
N GLY A 194 -3.65 -33.77 5.85
CA GLY A 194 -3.35 -34.00 7.25
C GLY A 194 -2.07 -33.35 7.73
N SER A 195 -2.01 -32.03 7.65
CA SER A 195 -0.89 -31.26 8.15
C SER A 195 -1.30 -30.63 9.47
N THR A 196 -0.58 -30.98 10.55
CA THR A 196 -1.01 -30.65 11.90
C THR A 196 -0.41 -29.34 12.41
N ALA A 197 -0.50 -28.29 11.58
CA ALA A 197 -0.15 -26.92 11.93
C ALA A 197 1.34 -26.75 12.22
N ARG A 198 2.13 -27.80 12.17
CA ARG A 198 3.58 -27.73 12.33
C ARG A 198 4.30 -28.15 11.07
N GLN A 199 3.80 -29.16 10.38
CA GLN A 199 4.25 -29.45 9.03
C GLN A 199 3.74 -28.40 8.07
N LYS A 200 2.48 -28.00 8.24
CA LYS A 200 1.90 -26.96 7.41
C LYS A 200 2.72 -25.69 7.50
N LEU A 201 3.00 -25.22 8.71
CA LEU A 201 3.70 -23.97 8.90
C LEU A 201 4.99 -23.96 8.11
N PHE A 202 5.92 -24.83 8.49
CA PHE A 202 7.24 -24.82 7.87
C PHE A 202 7.17 -25.09 6.37
N LYS A 203 6.34 -26.04 5.95
CA LYS A 203 6.38 -26.47 4.57
C LYS A 203 5.72 -25.47 3.63
N LEU A 204 4.73 -24.71 4.11
CA LEU A 204 3.93 -23.86 3.26
C LEU A 204 4.01 -22.39 3.62
N GLU A 205 3.74 -22.03 4.88
CA GLU A 205 3.46 -20.65 5.22
C GLU A 205 4.73 -19.81 5.30
N PHE A 206 5.70 -20.26 6.07
CA PHE A 206 6.94 -19.52 6.22
C PHE A 206 7.61 -19.32 4.86
N PRO A 207 7.86 -20.39 4.11
CA PRO A 207 8.50 -20.23 2.81
C PRO A 207 7.78 -19.27 1.89
N LEU A 208 6.50 -19.01 2.13
CA LEU A 208 5.74 -18.06 1.34
C LEU A 208 5.65 -16.69 1.99
N ALA A 209 5.61 -16.65 3.32
CA ALA A 209 5.61 -15.37 4.01
C ALA A 209 6.98 -14.71 3.93
N LYS A 210 8.05 -15.49 4.04
CA LYS A 210 9.39 -14.95 3.90
C LYS A 210 9.48 -14.08 2.67
N GLY A 211 9.76 -12.80 2.90
CA GLY A 211 9.65 -11.79 1.87
C GLY A 211 8.74 -10.71 2.37
N THR A 212 7.82 -11.10 3.23
CA THR A 212 7.00 -10.20 4.03
C THR A 212 7.52 -10.07 5.44
N ILE A 213 7.74 -11.22 6.10
CA ILE A 213 8.34 -11.21 7.44
C ILE A 213 9.65 -10.45 7.43
N MET A 214 10.54 -10.81 6.51
CA MET A 214 11.88 -10.24 6.53
C MET A 214 11.85 -8.74 6.33
N ALA A 215 10.79 -8.19 5.73
CA ALA A 215 10.65 -6.74 5.71
C ALA A 215 10.43 -6.20 7.12
N GLY A 216 9.53 -6.84 7.87
CA GLY A 216 9.35 -6.47 9.26
C GLY A 216 10.64 -6.59 10.04
N VAL A 217 11.47 -7.57 9.71
CA VAL A 217 12.71 -7.77 10.44
C VAL A 217 13.73 -6.72 10.06
N ASN A 218 13.76 -6.34 8.79
CA ASN A 218 14.64 -5.27 8.34
C ASN A 218 14.20 -3.91 8.84
N GLN A 219 12.96 -3.78 9.30
CA GLN A 219 12.58 -2.62 10.09
C GLN A 219 13.01 -2.77 11.54
N THR A 220 12.81 -3.96 12.10
CA THR A 220 13.22 -4.26 13.46
C THR A 220 14.68 -3.89 13.68
N ILE A 221 15.53 -4.19 12.72
CA ILE A 221 16.96 -3.97 12.89
C ILE A 221 17.26 -2.49 13.00
N MET A 222 16.68 -1.69 12.11
CA MET A 222 16.89 -0.25 12.16
C MET A 222 16.36 0.34 13.45
N LEU A 223 15.19 -0.13 13.88
CA LEU A 223 14.62 0.36 15.13
C LEU A 223 15.51 0.01 16.31
N ALA A 224 16.13 -1.17 16.28
CA ALA A 224 17.03 -1.56 17.36
C ALA A 224 18.30 -0.72 17.36
N LEU A 225 18.81 -0.41 16.17
CA LEU A 225 19.96 0.48 16.07
C LEU A 225 19.63 1.84 16.69
N SER A 226 18.52 2.42 16.26
CA SER A 226 18.08 3.69 16.84
C SER A 226 17.99 3.60 18.35
N MET A 227 17.40 2.51 18.86
CA MET A 227 17.16 2.41 20.28
C MET A 227 18.42 2.20 21.09
N VAL A 228 19.41 1.50 20.55
CA VAL A 228 20.66 1.35 21.29
C VAL A 228 21.45 2.65 21.27
N VAL A 229 21.42 3.36 20.14
CA VAL A 229 22.06 4.67 20.11
C VAL A 229 21.42 5.58 21.16
N ILE A 230 20.10 5.48 21.32
CA ILE A 230 19.43 6.29 22.33
C ILE A 230 19.77 5.79 23.73
N ALA A 231 19.86 4.48 23.89
CA ALA A 231 20.19 3.90 25.18
C ALA A 231 21.60 4.25 25.61
N SER A 232 22.43 4.72 24.69
CA SER A 232 23.75 5.21 25.05
C SER A 232 23.66 6.11 26.27
N MET A 233 22.52 6.80 26.44
CA MET A 233 22.28 7.56 27.64
C MET A 233 22.38 6.69 28.88
N ILE A 234 21.81 5.49 28.81
CA ILE A 234 21.83 4.58 29.96
C ILE A 234 23.26 4.12 30.24
N GLY A 235 23.99 3.73 29.22
CA GLY A 235 25.30 3.14 29.39
C GLY A 235 25.56 2.02 28.42
N ALA A 236 24.64 1.79 27.52
CA ALA A 236 24.83 0.82 26.45
C ALA A 236 26.03 1.25 25.60
N PRO A 237 27.11 0.47 25.58
CA PRO A 237 28.32 0.94 24.92
C PRO A 237 28.16 0.97 23.42
N GLY A 238 29.20 1.49 22.77
CA GLY A 238 29.23 1.60 21.33
C GLY A 238 29.55 3.00 20.91
N LEU A 239 29.14 3.31 19.69
CA LEU A 239 29.36 4.64 19.14
C LEU A 239 28.45 5.67 19.79
N GLY A 240 27.25 5.25 20.17
CA GLY A 240 26.33 6.18 20.81
C GLY A 240 26.98 6.97 21.92
N ARG A 241 27.66 6.27 22.83
CA ARG A 241 28.34 6.95 23.93
C ARG A 241 29.15 8.13 23.41
N GLY A 242 29.99 7.88 22.41
CA GLY A 242 30.72 8.95 21.75
C GLY A 242 29.82 10.13 21.48
N VAL A 243 28.83 9.93 20.62
CA VAL A 243 27.86 10.96 20.28
C VAL A 243 27.43 11.63 21.57
N LEU A 244 26.96 10.83 22.53
CA LEU A 244 26.50 11.39 23.79
C LEU A 244 27.53 12.32 24.38
N ALA A 245 28.72 11.80 24.65
CA ALA A 245 29.78 12.61 25.21
C ALA A 245 29.87 13.95 24.48
N ALA A 246 29.88 13.90 23.15
CA ALA A 246 29.98 15.12 22.36
C ALA A 246 28.89 16.11 22.74
N VAL A 247 27.62 15.68 22.65
CA VAL A 247 26.52 16.58 22.93
C VAL A 247 26.46 16.98 24.39
N GLN A 248 27.27 16.34 25.24
CA GLN A 248 27.41 16.76 26.61
C GLN A 248 28.59 17.70 26.82
N SER A 249 29.63 17.57 26.00
CA SER A 249 30.83 18.38 26.09
C SER A 249 31.03 19.27 24.87
N ALA A 250 30.16 19.17 23.87
CA ALA A 250 30.25 19.98 22.66
C ALA A 250 31.61 19.82 21.99
N ASP A 251 32.07 18.57 21.90
CA ASP A 251 33.25 18.21 21.12
C ASP A 251 32.76 17.65 19.80
N ILE A 252 32.49 18.55 18.86
CA ILE A 252 31.79 18.19 17.64
C ILE A 252 32.59 17.25 16.77
N GLY A 253 33.91 17.23 16.93
CA GLY A 253 34.71 16.33 16.12
C GLY A 253 34.42 14.87 16.44
N LYS A 254 34.58 14.50 17.71
CA LYS A 254 34.34 13.13 18.12
C LYS A 254 32.88 12.75 17.85
N GLY A 255 31.95 13.62 18.23
CA GLY A 255 30.56 13.34 18.00
C GLY A 255 30.24 13.14 16.53
N PHE A 256 30.83 13.96 15.67
CA PHE A 256 30.54 13.87 14.24
C PHE A 256 31.12 12.59 13.66
N VAL A 257 32.33 12.22 14.06
CA VAL A 257 32.90 10.99 13.51
C VAL A 257 32.11 9.79 13.98
N SER A 258 31.66 9.78 15.23
CA SER A 258 30.83 8.67 15.69
C SER A 258 29.49 8.65 14.98
N GLY A 259 28.89 9.82 14.75
CA GLY A 259 27.63 9.86 14.04
C GLY A 259 27.76 9.40 12.61
N ILE A 260 28.88 9.74 11.97
CA ILE A 260 29.09 9.30 10.60
C ILE A 260 29.36 7.80 10.57
N SER A 261 30.01 7.27 11.60
CA SER A 261 30.17 5.83 11.68
C SER A 261 28.82 5.14 11.81
N LEU A 262 27.94 5.69 12.65
CA LEU A 262 26.60 5.13 12.78
C LEU A 262 25.85 5.23 11.47
N VAL A 263 26.00 6.34 10.77
CA VAL A 263 25.34 6.51 9.48
C VAL A 263 25.83 5.47 8.49
N ILE A 264 27.13 5.22 8.48
CA ILE A 264 27.70 4.23 7.57
C ILE A 264 27.14 2.85 7.90
N LEU A 265 27.18 2.49 9.17
CA LEU A 265 26.62 1.22 9.59
C LEU A 265 25.17 1.10 9.18
N ALA A 266 24.41 2.19 9.30
CA ALA A 266 23.00 2.16 8.96
C ALA A 266 22.78 1.96 7.47
N ILE A 267 23.54 2.67 6.64
CA ILE A 267 23.42 2.51 5.20
C ILE A 267 23.76 1.09 4.81
N ILE A 268 24.84 0.56 5.37
CA ILE A 268 25.25 -0.80 5.05
C ILE A 268 24.16 -1.78 5.42
N ILE A 269 23.65 -1.68 6.64
CA ILE A 269 22.63 -2.61 7.10
C ILE A 269 21.38 -2.50 6.25
N ASP A 270 21.00 -1.27 5.88
CA ASP A 270 19.80 -1.10 5.08
C ASP A 270 19.96 -1.76 3.72
N ARG A 271 21.06 -1.45 3.03
CA ARG A 271 21.25 -2.00 1.70
C ARG A 271 21.33 -3.52 1.74
N PHE A 272 22.06 -4.08 2.70
CA PHE A 272 22.12 -5.53 2.86
C PHE A 272 20.73 -6.10 3.10
N THR A 273 20.11 -5.70 4.21
CA THR A 273 18.84 -6.27 4.61
C THR A 273 17.75 -6.06 3.56
N GLN A 274 17.92 -5.11 2.65
CA GLN A 274 16.99 -4.96 1.55
C GLN A 274 17.31 -5.94 0.43
N LYS A 275 18.53 -5.87 -0.10
CA LYS A 275 18.92 -6.72 -1.21
C LYS A 275 18.79 -8.21 -0.89
N LEU A 276 18.90 -8.58 0.39
CA LEU A 276 18.73 -9.95 0.81
C LEU A 276 17.28 -10.27 1.19
N ASN A 277 16.33 -9.50 0.69
CA ASN A 277 14.91 -9.78 0.88
C ASN A 277 14.19 -10.10 -0.42
N VAL A 278 14.41 -9.29 -1.46
CA VAL A 278 13.80 -9.51 -2.76
C VAL A 278 13.97 -10.96 -3.21
N GLY B 7 48.79 5.64 11.64
CA GLY B 7 47.54 6.15 12.18
C GLY B 7 47.27 7.58 11.77
N GLN B 8 46.03 7.87 11.40
CA GLN B 8 45.61 9.20 11.01
C GLN B 8 44.22 9.48 11.58
N VAL B 9 44.05 10.67 12.14
CA VAL B 9 42.78 11.06 12.74
C VAL B 9 42.51 12.52 12.38
N PRO B 10 42.35 12.86 11.10
CA PRO B 10 42.32 14.27 10.71
C PRO B 10 40.96 14.94 10.79
N ILE B 11 39.86 14.19 10.78
CA ILE B 11 38.55 14.78 10.50
C ILE B 11 38.16 15.77 11.59
N ALA B 12 38.09 15.29 12.83
CA ALA B 12 37.58 16.08 13.95
C ALA B 12 38.06 17.52 13.91
N ASN B 13 39.33 17.72 13.60
CA ASN B 13 39.86 19.08 13.54
C ASN B 13 39.21 19.87 12.42
N TRP B 14 39.14 19.26 11.23
CA TRP B 14 38.50 19.94 10.11
C TRP B 14 37.06 20.33 10.45
N VAL B 15 36.34 19.41 11.08
CA VAL B 15 34.92 19.67 11.35
C VAL B 15 34.77 20.78 12.38
N SER B 16 35.52 20.71 13.47
CA SER B 16 35.42 21.76 14.47
C SER B 16 35.85 23.10 13.90
N SER B 17 36.84 23.10 13.01
CA SER B 17 37.26 24.34 12.37
C SER B 17 36.16 24.92 11.51
N ALA B 18 35.56 24.10 10.66
CA ALA B 18 34.48 24.58 9.81
C ALA B 18 33.31 25.08 10.64
N THR B 19 33.01 24.39 11.73
CA THR B 19 31.88 24.80 12.57
C THR B 19 32.17 26.11 13.27
N ASP B 20 33.40 26.30 13.75
CA ASP B 20 33.78 27.58 14.33
C ASP B 20 33.67 28.68 13.29
N TRP B 21 34.15 28.41 12.07
CA TRP B 21 34.07 29.41 11.01
C TRP B 21 32.63 29.82 10.76
N ILE B 22 31.74 28.83 10.64
CA ILE B 22 30.32 29.14 10.42
C ILE B 22 29.77 29.96 11.58
N THR B 23 29.79 29.37 12.78
CA THR B 23 29.19 30.03 13.94
C THR B 23 29.89 31.32 14.32
N SER B 24 30.99 31.68 13.66
CA SER B 24 31.63 32.98 13.86
C SER B 24 31.28 33.98 12.78
N THR B 25 31.26 33.56 11.52
CA THR B 25 30.97 34.45 10.41
C THR B 25 29.48 34.66 10.17
N PHE B 26 28.63 33.83 10.79
CA PHE B 26 27.19 33.94 10.62
C PHE B 26 26.48 34.24 11.93
N SER B 27 27.22 34.52 13.00
CA SER B 27 26.61 34.74 14.30
C SER B 27 25.47 35.76 14.23
N SER B 28 25.54 36.66 13.24
CA SER B 28 24.45 37.62 13.04
C SER B 28 23.11 36.93 12.90
N GLY B 29 23.10 35.75 12.29
CA GLY B 29 21.87 35.01 12.10
C GLY B 29 21.53 34.12 13.27
N PHE B 30 22.56 33.52 13.88
CA PHE B 30 22.32 32.58 14.96
C PHE B 30 21.82 33.28 16.22
N ASP B 31 22.37 34.46 16.53
CA ASP B 31 21.85 35.19 17.68
C ASP B 31 20.39 35.57 17.48
N VAL B 32 20.04 35.99 16.25
CA VAL B 32 18.67 36.36 15.95
C VAL B 32 17.75 35.16 16.09
N ILE B 33 18.19 34.01 15.57
CA ILE B 33 17.39 32.80 15.66
C ILE B 33 17.21 32.39 17.11
N GLN B 34 18.26 32.51 17.92
CA GLN B 34 18.15 32.16 19.33
C GLN B 34 17.13 33.06 20.02
N LYS B 35 17.24 34.37 19.79
CA LYS B 35 16.28 35.31 20.38
C LYS B 35 14.86 34.95 19.97
N SER B 36 14.63 34.75 18.67
CA SER B 36 13.29 34.45 18.19
C SER B 36 12.77 33.16 18.80
N GLY B 37 13.60 32.12 18.85
CA GLY B 37 13.15 30.86 19.40
C GLY B 37 12.77 30.98 20.86
N THR B 38 13.65 31.59 21.66
CA THR B 38 13.38 31.69 23.09
C THR B 38 12.14 32.52 23.34
N VAL B 39 11.94 33.61 22.58
CA VAL B 39 10.80 34.47 22.84
C VAL B 39 9.51 33.78 22.41
N LEU B 40 9.52 33.13 21.24
CA LEU B 40 8.35 32.37 20.81
C LEU B 40 7.98 31.33 21.85
N MET B 41 8.97 30.58 22.31
CA MET B 41 8.71 29.52 23.28
C MET B 41 8.09 30.10 24.55
N ASN B 42 8.78 31.05 25.18
CA ASN B 42 8.28 31.59 26.43
C ASN B 42 7.07 32.50 26.23
N GLY B 43 6.62 32.72 25.00
CA GLY B 43 5.42 33.48 24.76
C GLY B 43 4.20 32.60 24.55
N ILE B 44 4.32 31.61 23.67
CA ILE B 44 3.19 30.73 23.39
C ILE B 44 3.18 29.51 24.30
N THR B 45 3.99 29.50 25.35
CA THR B 45 3.90 28.50 26.39
C THR B 45 3.45 29.07 27.71
N GLY B 46 3.41 30.40 27.83
CA GLY B 46 3.01 31.05 29.06
C GLY B 46 1.78 31.92 28.91
N ALA B 47 1.58 32.45 27.71
CA ALA B 47 0.46 33.33 27.41
C ALA B 47 -0.59 32.67 26.53
N LEU B 48 -0.18 32.17 25.36
CA LEU B 48 -1.12 31.42 24.54
C LEU B 48 -1.53 30.12 25.21
N THR B 49 -0.81 29.73 26.26
CA THR B 49 -1.11 28.54 27.04
C THR B 49 -0.82 28.86 28.50
N ALA B 50 -0.72 27.83 29.33
CA ALA B 50 -0.47 27.98 30.76
C ALA B 50 -1.58 28.82 31.40
N VAL B 51 -2.80 28.54 30.98
CA VAL B 51 -4.00 29.19 31.49
C VAL B 51 -4.80 28.10 32.23
N PRO B 52 -5.94 28.43 32.85
CA PRO B 52 -6.59 27.46 33.75
C PRO B 52 -6.57 26.03 33.25
N PHE B 53 -5.98 25.14 34.05
CA PHE B 53 -5.82 23.74 33.69
C PHE B 53 -7.07 22.92 33.92
N TRP B 54 -8.20 23.58 34.18
CA TRP B 54 -9.50 22.90 34.21
C TRP B 54 -10.40 23.35 33.09
N LEU B 55 -10.01 24.40 32.36
CA LEU B 55 -10.75 24.88 31.21
C LEU B 55 -10.18 24.36 29.91
N MET B 56 -8.88 24.05 29.88
CA MET B 56 -8.27 23.51 28.67
C MET B 56 -8.57 22.02 28.52
N ILE B 57 -8.51 21.27 29.62
CA ILE B 57 -8.81 19.85 29.53
C ILE B 57 -10.29 19.66 29.19
N ALA B 58 -11.14 20.58 29.62
CA ALA B 58 -12.55 20.50 29.25
C ALA B 58 -12.75 20.76 27.77
N VAL B 59 -12.10 21.80 27.25
CA VAL B 59 -12.14 22.06 25.81
C VAL B 59 -11.72 20.83 25.04
N VAL B 60 -10.60 20.23 25.44
CA VAL B 60 -10.10 19.07 24.71
C VAL B 60 -11.05 17.90 24.86
N THR B 61 -11.68 17.75 26.01
CA THR B 61 -12.62 16.67 26.20
C THR B 61 -13.81 16.80 25.26
N ILE B 62 -14.35 18.02 25.13
CA ILE B 62 -15.51 18.20 24.27
C ILE B 62 -15.10 18.06 22.80
N LEU B 63 -13.88 18.47 22.47
CA LEU B 63 -13.40 18.29 21.09
C LEU B 63 -13.27 16.80 20.77
N ALA B 64 -12.77 16.02 21.72
CA ALA B 64 -12.71 14.58 21.55
C ALA B 64 -14.10 14.01 21.39
N ILE B 65 -15.05 14.52 22.17
CA ILE B 65 -16.44 14.09 22.03
C ILE B 65 -16.93 14.36 20.60
N LEU B 66 -16.72 15.58 20.13
CA LEU B 66 -17.08 15.93 18.76
C LEU B 66 -16.53 14.92 17.76
N VAL B 67 -15.20 14.79 17.73
CA VAL B 67 -14.58 13.91 16.73
C VAL B 67 -14.87 12.44 16.99
N SER B 68 -15.49 12.11 18.12
CA SER B 68 -15.82 10.73 18.44
C SER B 68 -17.31 10.43 18.35
N GLY B 69 -18.16 11.43 18.55
CA GLY B 69 -19.59 11.25 18.41
C GLY B 69 -20.26 10.60 19.59
N LYS B 70 -20.08 9.29 19.74
CA LYS B 70 -20.75 8.53 20.79
C LYS B 70 -19.74 7.79 21.65
N LYS B 71 -18.63 7.39 21.05
CA LYS B 71 -17.58 6.68 21.78
C LYS B 71 -17.04 7.59 22.89
N ILE B 72 -17.07 7.08 24.12
CA ILE B 72 -16.69 7.87 25.29
C ILE B 72 -15.33 7.48 25.83
N ALA B 73 -14.68 6.46 25.26
CA ALA B 73 -13.38 6.03 25.75
C ALA B 73 -12.35 7.15 25.63
N PHE B 74 -12.27 7.78 24.47
CA PHE B 74 -11.24 8.76 24.18
C PHE B 74 -11.47 10.03 24.99
N PRO B 75 -12.72 10.49 25.12
CA PRO B 75 -12.97 11.61 26.06
C PRO B 75 -12.65 11.28 27.50
N LEU B 76 -13.02 10.07 27.95
CA LEU B 76 -12.67 9.66 29.30
C LEU B 76 -11.17 9.66 29.50
N PHE B 77 -10.42 9.30 28.45
CA PHE B 77 -8.97 9.31 28.53
C PHE B 77 -8.46 10.74 28.65
N THR B 78 -8.92 11.62 27.77
CA THR B 78 -8.51 13.02 27.82
C THR B 78 -8.77 13.61 29.20
N PHE B 79 -9.93 13.33 29.78
CA PHE B 79 -10.23 13.93 31.07
C PHE B 79 -9.45 13.27 32.20
N ILE B 80 -9.40 11.93 32.23
CA ILE B 80 -8.69 11.19 33.26
C ILE B 80 -7.22 11.10 32.90
N GLY B 81 -6.83 11.80 31.84
CA GLY B 81 -5.46 11.97 31.43
C GLY B 81 -4.95 13.31 31.90
N LEU B 82 -5.04 14.32 31.04
CA LEU B 82 -4.59 15.66 31.34
C LEU B 82 -4.85 16.05 32.79
N SER B 83 -6.03 15.72 33.32
CA SER B 83 -6.30 15.97 34.72
C SER B 83 -5.34 15.18 35.61
N LEU B 84 -5.05 13.95 35.21
CA LEU B 84 -4.05 13.16 35.92
C LEU B 84 -2.72 13.87 35.95
N ILE B 85 -2.26 14.33 34.80
CA ILE B 85 -1.04 15.12 34.71
C ILE B 85 -1.08 16.26 35.72
N ALA B 86 -2.08 17.13 35.57
CA ALA B 86 -2.20 18.30 36.43
C ALA B 86 -2.10 17.92 37.90
N ASN B 87 -2.88 16.92 38.32
CA ASN B 87 -2.81 16.46 39.70
C ASN B 87 -1.38 16.08 40.07
N GLN B 88 -0.66 15.45 39.13
CA GLN B 88 0.72 15.10 39.39
C GLN B 88 1.67 16.29 39.30
N GLY B 89 1.16 17.45 38.89
CA GLY B 89 1.96 18.65 38.86
C GLY B 89 2.93 18.73 37.70
N LEU B 90 2.45 18.41 36.50
CA LEU B 90 3.26 18.43 35.30
C LEU B 90 2.56 19.16 34.17
N TRP B 91 1.75 20.15 34.51
CA TRP B 91 1.05 20.91 33.49
C TRP B 91 1.96 21.93 32.82
N SER B 92 2.88 22.52 33.58
CA SER B 92 3.79 23.50 33.00
C SER B 92 4.87 22.85 32.14
N ASP B 93 5.09 21.55 32.28
CA ASP B 93 6.01 20.82 31.42
C ASP B 93 5.32 20.17 30.25
N LEU B 94 3.99 20.21 30.21
CA LEU B 94 3.23 19.76 29.06
C LEU B 94 2.90 20.90 28.12
N MET B 95 2.71 22.10 28.65
CA MET B 95 2.58 23.26 27.79
C MET B 95 3.84 23.43 26.95
N SER B 96 5.00 23.39 27.59
CA SER B 96 6.21 23.01 26.88
C SER B 96 6.13 21.52 26.57
N THR B 97 6.84 21.11 25.54
CA THR B 97 6.66 19.82 24.87
C THR B 97 5.46 19.85 23.96
N ILE B 98 4.70 20.92 23.96
CA ILE B 98 3.65 21.15 22.98
C ILE B 98 4.01 22.31 22.07
N THR B 99 4.46 23.42 22.64
CA THR B 99 5.00 24.48 21.82
C THR B 99 6.18 23.99 21.01
N LEU B 100 6.91 23.01 21.55
CA LEU B 100 8.06 22.48 20.83
C LEU B 100 7.61 21.65 19.64
N VAL B 101 6.69 20.71 19.84
CA VAL B 101 6.19 19.94 18.70
C VAL B 101 5.40 20.85 17.78
N LEU B 102 4.74 21.86 18.33
CA LEU B 102 4.02 22.81 17.49
C LEU B 102 4.97 23.52 16.54
N LEU B 103 6.02 24.13 17.08
CA LEU B 103 6.96 24.86 16.24
C LEU B 103 7.70 23.93 15.30
N SER B 104 8.09 22.75 15.78
CA SER B 104 8.79 21.81 14.93
C SER B 104 7.92 21.36 13.77
N SER B 105 6.65 21.07 14.02
CA SER B 105 5.75 20.67 12.96
C SER B 105 5.49 21.81 12.00
N LEU B 106 5.33 23.03 12.51
CA LEU B 106 5.11 24.17 11.63
C LEU B 106 6.30 24.39 10.72
N LEU B 107 7.51 24.32 11.28
CA LEU B 107 8.70 24.51 10.46
C LEU B 107 8.89 23.38 9.47
N SER B 108 8.66 22.14 9.91
CA SER B 108 8.79 21.01 9.00
C SER B 108 7.79 21.11 7.86
N ILE B 109 6.59 21.60 8.15
CA ILE B 109 5.61 21.81 7.12
C ILE B 109 6.09 22.89 6.15
N ILE B 110 6.36 24.07 6.67
CA ILE B 110 6.82 25.19 5.86
C ILE B 110 8.00 24.81 4.99
N ILE B 111 8.82 23.87 5.44
CA ILE B 111 10.01 23.51 4.70
C ILE B 111 9.77 22.34 3.75
N GLY B 112 8.80 21.48 4.04
CA GLY B 112 8.58 20.31 3.25
C GLY B 112 7.57 20.52 2.15
N VAL B 113 6.41 21.05 2.52
CA VAL B 113 5.31 21.25 1.59
C VAL B 113 5.82 21.99 0.37
N PRO B 114 6.47 23.15 0.51
CA PRO B 114 7.12 23.77 -0.65
C PRO B 114 8.10 22.85 -1.35
N LEU B 115 8.98 22.21 -0.59
CA LEU B 115 9.92 21.26 -1.18
C LEU B 115 9.19 20.10 -1.82
N GLY B 116 8.02 19.72 -1.27
CA GLY B 116 7.25 18.67 -1.90
C GLY B 116 6.69 19.09 -3.24
N ILE B 117 6.21 20.34 -3.33
CA ILE B 117 5.77 20.85 -4.61
C ILE B 117 6.93 20.83 -5.60
N TRP B 118 8.08 21.38 -5.20
CA TRP B 118 9.23 21.41 -6.08
C TRP B 118 9.64 20.03 -6.53
N MET B 119 9.44 19.02 -5.67
CA MET B 119 9.77 17.65 -6.06
C MET B 119 8.71 17.06 -6.96
N ALA B 120 7.47 17.54 -6.87
CA ALA B 120 6.41 17.03 -7.73
C ALA B 120 6.50 17.60 -9.13
N LYS B 121 6.89 18.88 -9.26
CA LYS B 121 7.03 19.47 -10.58
C LYS B 121 8.21 18.88 -11.32
N SER B 122 9.42 19.06 -10.78
CA SER B 122 10.60 18.48 -11.37
C SER B 122 10.75 17.03 -10.96
N ASP B 123 11.13 16.18 -11.91
CA ASP B 123 11.36 14.77 -11.62
C ASP B 123 12.78 14.49 -11.17
N LEU B 124 13.75 15.26 -11.68
CA LEU B 124 15.12 15.08 -11.24
C LEU B 124 15.29 15.48 -9.78
N VAL B 125 14.56 16.52 -9.34
CA VAL B 125 14.59 16.90 -7.93
C VAL B 125 14.13 15.74 -7.06
N ALA B 126 13.08 15.03 -7.49
CA ALA B 126 12.62 13.89 -6.73
C ALA B 126 13.64 12.77 -6.75
N LYS B 127 14.15 12.42 -7.94
CA LYS B 127 15.18 11.40 -8.03
C LYS B 127 16.35 11.72 -7.10
N ILE B 128 16.61 13.00 -6.88
CA ILE B 128 17.65 13.39 -5.94
C ILE B 128 17.20 13.15 -4.51
N VAL B 129 16.05 13.71 -4.14
CA VAL B 129 15.72 13.90 -2.74
C VAL B 129 15.14 12.63 -2.12
N GLN B 130 14.24 11.96 -2.81
CA GLN B 130 13.60 10.77 -2.24
C GLN B 130 14.60 9.79 -1.65
N PRO B 131 15.66 9.41 -2.34
CA PRO B 131 16.67 8.56 -1.68
C PRO B 131 17.34 9.28 -0.51
N ILE B 132 17.52 10.59 -0.62
CA ILE B 132 18.03 11.36 0.51
C ILE B 132 17.05 11.31 1.68
N LEU B 133 15.75 11.29 1.38
CA LEU B 133 14.77 11.25 2.46
C LEU B 133 14.76 9.89 3.13
N ASP B 134 14.97 8.82 2.36
CA ASP B 134 15.13 7.51 2.98
C ASP B 134 16.44 7.43 3.76
N PHE B 135 17.47 8.12 3.27
CA PHE B 135 18.74 8.23 3.97
C PHE B 135 18.56 8.91 5.32
N MET B 136 17.66 9.89 5.39
CA MET B 136 17.43 10.64 6.61
C MET B 136 16.38 10.00 7.51
N GLN B 137 15.54 9.12 6.98
CA GLN B 137 14.53 8.43 7.77
C GLN B 137 14.98 7.04 8.20
N THR B 138 16.08 6.54 7.64
CA THR B 138 16.67 5.29 8.10
C THR B 138 17.67 5.53 9.23
N MET B 139 18.47 6.60 9.13
CA MET B 139 19.49 6.85 10.11
C MET B 139 18.86 7.05 11.49
N PRO B 140 19.58 6.73 12.56
CA PRO B 140 19.09 7.07 13.89
C PRO B 140 19.02 8.57 14.10
N GLY B 141 18.00 8.99 14.83
CA GLY B 141 17.79 10.41 15.05
C GLY B 141 18.71 11.02 16.08
N PHE B 142 19.30 10.19 16.93
CA PHE B 142 20.21 10.71 17.94
C PHE B 142 21.35 11.50 17.33
N VAL B 143 21.69 11.21 16.07
CA VAL B 143 22.80 11.89 15.41
C VAL B 143 22.40 13.22 14.79
N TYR B 144 21.15 13.63 14.95
CA TYR B 144 20.71 14.94 14.53
C TYR B 144 20.94 15.99 15.61
N LEU B 145 21.62 15.63 16.69
CA LEU B 145 21.90 16.53 17.78
C LEU B 145 23.23 17.25 17.59
N ILE B 146 24.20 16.57 17.02
CA ILE B 146 25.50 17.17 16.71
C ILE B 146 25.27 18.46 15.91
N PRO B 147 24.59 18.39 14.77
CA PRO B 147 24.38 19.61 13.98
C PRO B 147 23.51 20.64 14.68
N ALA B 148 23.01 20.30 15.87
CA ALA B 148 22.20 21.21 16.66
C ALA B 148 23.01 21.93 17.72
N VAL B 149 23.73 21.19 18.55
CA VAL B 149 24.58 21.82 19.56
C VAL B 149 25.80 22.45 18.93
N ALA B 150 26.14 22.07 17.70
CA ALA B 150 27.30 22.65 17.06
C ALA B 150 27.03 24.09 16.63
N PHE B 151 25.80 24.37 16.23
CA PHE B 151 25.40 25.68 15.74
C PHE B 151 24.69 26.51 16.80
N PHE B 152 23.59 25.97 17.35
CA PHE B 152 22.78 26.67 18.32
C PHE B 152 23.08 26.28 19.76
N GLY B 153 24.15 25.51 19.98
CA GLY B 153 24.43 25.05 21.33
C GLY B 153 23.24 24.33 21.91
N ILE B 154 23.18 24.28 23.22
CA ILE B 154 22.06 23.67 23.91
C ILE B 154 20.94 24.69 24.03
N GLY B 155 19.75 24.20 24.32
CA GLY B 155 18.61 25.04 24.55
C GLY B 155 17.38 24.49 23.88
N VAL B 156 16.51 25.39 23.45
CA VAL B 156 15.24 25.05 22.84
C VAL B 156 15.35 24.95 21.33
N VAL B 157 15.90 25.97 20.70
CA VAL B 157 16.02 26.03 19.24
C VAL B 157 16.83 24.85 18.71
N PRO B 158 17.81 24.30 19.42
CA PRO B 158 18.43 23.08 18.90
C PRO B 158 17.51 21.88 18.89
N GLY B 159 16.70 21.72 19.94
CA GLY B 159 15.67 20.69 19.91
C GLY B 159 14.71 20.89 18.75
N VAL B 160 14.34 22.14 18.50
CA VAL B 160 13.44 22.43 17.39
C VAL B 160 14.10 22.07 16.07
N PHE B 161 15.38 22.38 15.92
CA PHE B 161 16.08 22.08 14.68
C PHE B 161 16.17 20.59 14.45
N ALA B 162 16.57 19.85 15.48
CA ALA B 162 16.61 18.40 15.38
C ALA B 162 15.26 17.83 15.01
N SER B 163 14.20 18.38 15.60
CA SER B 163 12.86 17.87 15.31
C SER B 163 12.45 18.15 13.87
N VAL B 164 12.68 19.37 13.39
CA VAL B 164 12.24 19.70 12.04
C VAL B 164 13.03 18.90 11.02
N ILE B 165 14.32 18.63 11.28
CA ILE B 165 15.11 17.86 10.34
C ILE B 165 14.94 16.36 10.53
N PHE B 166 14.29 15.94 11.61
CA PHE B 166 13.98 14.53 11.83
C PHE B 166 12.57 14.18 11.40
N ALA B 167 11.66 15.14 11.40
CA ALA B 167 10.27 14.92 11.06
C ALA B 167 9.93 15.33 9.63
N LEU B 168 10.84 15.99 8.94
CA LEU B 168 10.56 16.51 7.60
C LEU B 168 10.24 15.43 6.58
N PRO B 169 10.94 14.30 6.53
CA PRO B 169 10.83 13.40 5.39
C PRO B 169 9.39 13.04 5.04
N PRO B 170 8.62 12.50 5.99
CA PRO B 170 7.29 12.01 5.63
C PRO B 170 6.40 13.07 5.03
N THR B 171 6.44 14.28 5.58
CA THR B 171 5.68 15.38 5.01
C THR B 171 6.02 15.56 3.55
N VAL B 172 7.32 15.65 3.25
CA VAL B 172 7.77 15.85 1.87
C VAL B 172 7.28 14.72 0.98
N ARG B 173 7.45 13.48 1.43
CA ARG B 173 7.10 12.33 0.61
C ARG B 173 5.62 12.32 0.30
N MET B 174 4.78 12.44 1.33
CA MET B 174 3.35 12.37 1.11
C MET B 174 2.84 13.59 0.35
N THR B 175 3.51 14.73 0.47
CA THR B 175 3.16 15.88 -0.35
C THR B 175 3.42 15.58 -1.81
N ASN B 176 4.65 15.18 -2.13
CA ASN B 176 4.97 14.78 -3.50
C ASN B 176 3.93 13.81 -4.03
N LEU B 177 3.60 12.79 -3.23
CA LEU B 177 2.58 11.83 -3.62
C LEU B 177 1.27 12.53 -3.97
N GLY B 178 0.64 13.15 -2.98
CA GLY B 178 -0.64 13.78 -3.16
C GLY B 178 -0.67 14.78 -4.29
N ILE B 179 0.49 15.30 -4.69
CA ILE B 179 0.53 16.21 -5.83
C ILE B 179 0.62 15.43 -7.13
N ARG B 180 1.64 14.59 -7.28
CA ARG B 180 1.75 13.75 -8.46
C ARG B 180 1.08 12.40 -8.24
N GLN B 181 -0.13 12.46 -7.74
CA GLN B 181 -1.08 11.35 -7.83
C GLN B 181 -2.48 11.84 -8.14
N VAL B 182 -2.69 13.16 -8.21
CA VAL B 182 -3.96 13.70 -8.68
C VAL B 182 -4.05 13.47 -10.18
N SER B 183 -5.20 12.96 -10.63
CA SER B 183 -5.27 12.40 -11.97
C SER B 183 -5.01 13.48 -13.01
N THR B 184 -4.12 13.16 -13.95
CA THR B 184 -3.66 14.14 -14.93
C THR B 184 -4.80 14.83 -15.67
N GLU B 185 -5.97 14.22 -15.71
CA GLU B 185 -7.07 14.82 -16.46
C GLU B 185 -7.51 16.13 -15.84
N LEU B 186 -7.60 16.18 -14.51
CA LEU B 186 -7.95 17.43 -13.85
C LEU B 186 -6.91 18.51 -14.12
N VAL B 187 -5.63 18.13 -14.20
CA VAL B 187 -4.60 19.10 -14.49
C VAL B 187 -4.74 19.61 -15.91
N GLU B 188 -5.06 18.72 -16.84
CA GLU B 188 -5.37 19.17 -18.20
C GLU B 188 -6.51 20.16 -18.20
N ALA B 189 -7.56 19.86 -17.44
CA ALA B 189 -8.72 20.74 -17.37
C ALA B 189 -8.34 22.11 -16.83
N ALA B 190 -7.54 22.14 -15.77
CA ALA B 190 -7.19 23.40 -15.15
C ALA B 190 -6.19 24.18 -15.99
N ASP B 191 -5.39 23.48 -16.79
CA ASP B 191 -4.44 24.15 -17.67
C ASP B 191 -5.08 24.64 -18.95
N SER B 192 -6.20 24.05 -19.36
CA SER B 192 -6.87 24.48 -20.57
C SER B 192 -7.54 25.84 -20.38
N PHE B 193 -7.92 26.17 -19.16
CA PHE B 193 -8.53 27.45 -18.85
C PHE B 193 -7.52 28.48 -18.35
N GLY B 194 -6.23 28.20 -18.49
CA GLY B 194 -5.22 29.18 -18.16
C GLY B 194 -4.98 29.36 -16.68
N SER B 195 -4.58 28.29 -16.01
CA SER B 195 -4.23 28.33 -14.60
C SER B 195 -2.71 28.33 -14.47
N THR B 196 -2.17 29.38 -13.88
CA THR B 196 -0.73 29.64 -13.91
C THR B 196 0.00 29.05 -12.70
N ALA B 197 -0.30 27.80 -12.38
CA ALA B 197 0.41 27.00 -11.37
C ALA B 197 0.22 27.54 -9.96
N ARG B 198 -0.48 28.64 -9.79
CA ARG B 198 -0.81 29.19 -8.48
C ARG B 198 -2.30 29.17 -8.21
N GLN B 199 -3.10 29.47 -9.23
CA GLN B 199 -4.53 29.21 -9.14
C GLN B 199 -4.79 27.72 -9.22
N LYS B 200 -4.07 27.02 -10.09
CA LYS B 200 -4.21 25.58 -10.20
C LYS B 200 -3.94 24.90 -8.87
N LEU B 201 -2.80 25.23 -8.26
CA LEU B 201 -2.41 24.58 -7.02
C LEU B 201 -3.52 24.66 -5.99
N PHE B 202 -3.84 25.88 -5.55
CA PHE B 202 -4.82 26.05 -4.49
C PHE B 202 -6.18 25.51 -4.87
N LYS B 203 -6.62 25.77 -6.11
CA LYS B 203 -8.00 25.44 -6.47
C LYS B 203 -8.20 23.95 -6.68
N LEU B 204 -7.17 23.22 -7.11
CA LEU B 204 -7.33 21.83 -7.51
C LEU B 204 -6.49 20.88 -6.68
N GLU B 205 -5.17 21.11 -6.58
CA GLU B 205 -4.28 20.07 -6.12
C GLU B 205 -4.31 19.91 -4.61
N PHE B 206 -4.15 20.99 -3.88
CA PHE B 206 -4.15 20.93 -2.43
C PHE B 206 -5.47 20.36 -1.93
N PRO B 207 -6.61 20.94 -2.32
CA PRO B 207 -7.90 20.41 -1.86
C PRO B 207 -8.09 18.93 -2.14
N LEU B 208 -7.35 18.39 -3.10
CA LEU B 208 -7.43 16.96 -3.41
C LEU B 208 -6.31 16.16 -2.75
N ALA B 209 -5.14 16.76 -2.58
CA ALA B 209 -4.06 16.07 -1.88
C ALA B 209 -4.34 16.01 -0.39
N LYS B 210 -4.90 17.08 0.18
CA LYS B 210 -5.27 17.08 1.58
C LYS B 210 -6.05 15.81 1.93
N GLY B 211 -5.46 15.01 2.81
CA GLY B 211 -5.94 13.67 3.06
C GLY B 211 -4.79 12.72 2.86
N THR B 212 -3.88 13.11 1.98
CA THR B 212 -2.58 12.48 1.81
C THR B 212 -1.49 13.27 2.51
N ILE B 213 -1.42 14.58 2.24
CA ILE B 213 -0.47 15.43 2.93
C ILE B 213 -0.63 15.30 4.43
N MET B 214 -1.86 15.48 4.92
CA MET B 214 -2.07 15.52 6.35
C MET B 214 -1.68 14.22 7.02
N ALA B 215 -1.64 13.11 6.29
CA ALA B 215 -1.06 11.90 6.85
C ALA B 215 0.43 12.07 7.10
N GLY B 216 1.14 12.61 6.12
CA GLY B 216 2.54 12.92 6.32
C GLY B 216 2.74 13.87 7.49
N VAL B 217 1.80 14.80 7.69
CA VAL B 217 1.94 15.76 8.77
C VAL B 217 1.66 15.12 10.12
N ASN B 218 0.70 14.20 10.15
CA ASN B 218 0.41 13.46 11.37
C ASN B 218 1.50 12.46 11.70
N GLN B 219 2.36 12.14 10.75
CA GLN B 219 3.60 11.45 11.08
C GLN B 219 4.66 12.43 11.58
N THR B 220 4.76 13.58 10.90
CA THR B 220 5.68 14.63 11.29
C THR B 220 5.53 14.98 12.76
N ILE B 221 4.29 15.06 13.23
CA ILE B 221 4.04 15.48 14.60
C ILE B 221 4.59 14.46 15.59
N MET B 222 4.32 13.18 15.35
CA MET B 222 4.83 12.15 16.23
C MET B 222 6.34 12.12 16.21
N LEU B 223 6.94 12.28 15.04
CA LEU B 223 8.39 12.29 14.94
C LEU B 223 8.97 13.46 15.71
N ALA B 224 8.30 14.61 15.67
CA ALA B 224 8.78 15.77 16.40
C ALA B 224 8.66 15.56 17.90
N LEU B 225 7.58 14.93 18.35
CA LEU B 225 7.45 14.60 19.75
C LEU B 225 8.59 13.71 20.20
N SER B 226 8.82 12.62 19.46
CA SER B 226 9.94 11.74 19.76
C SER B 226 11.25 12.51 19.83
N MET B 227 11.47 13.41 18.88
CA MET B 227 12.76 14.08 18.80
C MET B 227 12.94 15.10 19.90
N VAL B 228 11.87 15.75 20.35
CA VAL B 228 12.04 16.69 21.46
C VAL B 228 12.25 15.94 22.77
N VAL B 229 11.54 14.83 22.94
CA VAL B 229 11.79 14.00 24.12
C VAL B 229 13.25 13.56 24.13
N ILE B 230 13.80 13.23 22.97
CA ILE B 230 15.20 12.83 22.91
C ILE B 230 16.11 14.03 23.14
N ALA B 231 15.72 15.19 22.61
CA ALA B 231 16.51 16.40 22.79
C ALA B 231 16.55 16.83 24.23
N SER B 232 15.65 16.32 25.06
CA SER B 232 15.69 16.58 26.50
C SER B 232 17.12 16.44 27.01
N MET B 233 17.89 15.56 26.36
CA MET B 233 19.31 15.45 26.69
C MET B 233 20.01 16.78 26.51
N ILE B 234 19.71 17.49 25.43
CA ILE B 234 20.33 18.77 25.17
C ILE B 234 19.94 19.79 26.23
N GLY B 235 18.65 19.88 26.53
CA GLY B 235 18.15 20.90 27.41
C GLY B 235 16.80 21.42 26.98
N ALA B 236 16.23 20.83 25.94
CA ALA B 236 14.89 21.15 25.51
C ALA B 236 13.93 20.83 26.63
N PRO B 237 13.25 21.83 27.19
CA PRO B 237 12.44 21.59 28.39
C PRO B 237 11.21 20.77 28.07
N GLY B 238 10.49 20.42 29.13
CA GLY B 238 9.28 19.65 29.02
C GLY B 238 9.33 18.45 29.92
N LEU B 239 8.53 17.45 29.54
CA LEU B 239 8.48 16.22 30.31
C LEU B 239 9.73 15.39 30.10
N GLY B 240 10.31 15.45 28.90
CA GLY B 240 11.52 14.70 28.64
C GLY B 240 12.55 14.85 29.72
N ARG B 241 12.85 16.09 30.10
CA ARG B 241 13.82 16.33 31.17
C ARG B 241 13.54 15.45 32.37
N GLY B 242 12.30 15.45 32.84
CA GLY B 242 11.89 14.56 33.90
C GLY B 242 12.40 13.16 33.65
N VAL B 243 11.91 12.55 32.58
CA VAL B 243 12.33 11.21 32.18
C VAL B 243 13.84 11.14 32.30
N LEU B 244 14.53 12.06 31.64
CA LEU B 244 15.98 12.07 31.67
C LEU B 244 16.49 12.00 33.09
N ALA B 245 16.12 12.98 33.91
CA ALA B 245 16.56 12.99 35.29
C ALA B 245 16.40 11.60 35.91
N ALA B 246 15.23 11.00 35.72
CA ALA B 246 14.97 9.69 36.30
C ALA B 246 16.04 8.69 35.86
N VAL B 247 16.22 8.52 34.55
CA VAL B 247 17.18 7.53 34.06
C VAL B 247 18.61 7.91 34.40
N GLN B 248 18.82 9.12 34.91
CA GLN B 248 20.13 9.51 35.42
C GLN B 248 20.25 9.30 36.91
N SER B 249 19.15 9.39 37.64
CA SER B 249 19.13 9.21 39.08
C SER B 249 18.34 8.00 39.52
N ALA B 250 17.73 7.27 38.59
CA ALA B 250 16.95 6.07 38.90
C ALA B 250 15.85 6.38 39.91
N ASP B 251 15.16 7.49 39.70
CA ASP B 251 13.96 7.83 40.45
C ASP B 251 12.77 7.44 39.57
N ILE B 252 12.39 6.17 39.67
CA ILE B 252 11.43 5.60 38.71
C ILE B 252 10.06 6.23 38.85
N GLY B 253 9.75 6.80 40.00
CA GLY B 253 8.44 7.42 40.16
C GLY B 253 8.26 8.63 39.25
N LYS B 254 9.16 9.59 39.38
CA LYS B 254 9.09 10.79 38.56
C LYS B 254 9.21 10.44 37.08
N GLY B 255 10.17 9.58 36.75
CA GLY B 255 10.35 9.18 35.36
C GLY B 255 9.11 8.51 34.80
N PHE B 256 8.47 7.66 35.60
CA PHE B 256 7.30 6.94 35.11
C PHE B 256 6.13 7.87 34.92
N VAL B 257 5.93 8.81 35.85
CA VAL B 257 4.80 9.72 35.70
C VAL B 257 5.02 10.62 34.48
N SER B 258 6.26 11.06 34.25
CA SER B 258 6.51 11.87 33.07
C SER B 258 6.35 11.05 31.79
N GLY B 259 6.78 9.79 31.81
CA GLY B 259 6.62 8.95 30.64
C GLY B 259 5.16 8.68 30.35
N ILE B 260 4.35 8.50 31.40
CA ILE B 260 2.93 8.26 31.19
C ILE B 260 2.25 9.53 30.71
N SER B 261 2.73 10.70 31.14
CA SER B 261 2.21 11.94 30.61
C SER B 261 2.52 12.07 29.12
N LEU B 262 3.74 11.71 28.73
CA LEU B 262 4.10 11.73 27.32
C LEU B 262 3.26 10.74 26.54
N VAL B 263 3.01 9.57 27.10
CA VAL B 263 2.19 8.57 26.44
C VAL B 263 0.78 9.09 26.25
N ILE B 264 0.23 9.76 27.26
CA ILE B 264 -1.11 10.31 27.15
C ILE B 264 -1.16 11.36 26.06
N LEU B 265 -0.20 12.27 26.08
CA LEU B 265 -0.12 13.29 25.03
C LEU B 265 -0.03 12.65 23.66
N ALA B 266 0.73 11.57 23.54
CA ALA B 266 0.90 10.91 22.27
C ALA B 266 -0.39 10.28 21.79
N ILE B 267 -1.09 9.57 22.68
CA ILE B 267 -2.36 8.95 22.29
C ILE B 267 -3.34 10.02 21.86
N ILE B 268 -3.42 11.11 22.62
CA ILE B 268 -4.34 12.19 22.29
C ILE B 268 -4.02 12.74 20.91
N ILE B 269 -2.76 13.07 20.68
CA ILE B 269 -2.36 13.66 19.41
C ILE B 269 -2.63 12.70 18.27
N ASP B 270 -2.37 11.41 18.48
CA ASP B 270 -2.60 10.44 17.41
C ASP B 270 -4.06 10.37 17.07
N ARG B 271 -4.92 10.19 18.06
CA ARG B 271 -6.34 10.05 17.79
C ARG B 271 -6.89 11.31 17.14
N PHE B 272 -6.52 12.48 17.64
CA PHE B 272 -6.95 13.73 17.01
C PHE B 272 -6.48 13.79 15.57
N THR B 273 -5.16 13.80 15.36
CA THR B 273 -4.60 13.96 14.04
C THR B 273 -5.07 12.90 13.05
N GLN B 274 -5.55 11.76 13.54
CA GLN B 274 -6.14 10.77 12.66
C GLN B 274 -7.57 11.12 12.32
N LYS B 275 -8.41 11.25 13.35
CA LYS B 275 -9.83 11.53 13.12
C LYS B 275 -10.06 12.81 12.35
N LEU B 276 -9.13 13.77 12.43
CA LEU B 276 -9.22 15.01 11.67
C LEU B 276 -8.53 14.92 10.32
N ASN B 277 -8.35 13.71 9.79
CA ASN B 277 -7.81 13.51 8.46
C ASN B 277 -8.81 12.87 7.51
N VAL B 278 -9.48 11.80 7.95
CA VAL B 278 -10.50 11.12 7.15
C VAL B 278 -11.47 12.12 6.54
N VAL C 3 -21.15 -50.93 1.19
CA VAL C 3 -21.11 -49.57 0.68
C VAL C 3 -19.85 -48.88 1.16
N LYS C 4 -19.61 -47.67 0.65
CA LYS C 4 -18.42 -46.90 1.00
C LYS C 4 -18.76 -45.72 1.91
N ILE C 5 -19.69 -44.87 1.49
CA ILE C 5 -20.12 -43.70 2.26
C ILE C 5 -21.58 -43.86 2.63
N LYS C 6 -21.96 -43.28 3.77
CA LYS C 6 -23.35 -43.07 4.11
C LYS C 6 -23.47 -41.73 4.81
N ILE C 7 -24.46 -40.94 4.40
CA ILE C 7 -24.69 -39.63 4.99
C ILE C 7 -25.86 -39.71 5.94
N GLU C 8 -25.87 -38.83 6.94
CA GLU C 8 -26.93 -38.80 7.95
C GLU C 8 -27.21 -37.35 8.32
N HIS C 9 -28.20 -36.76 7.66
CA HIS C 9 -28.69 -35.43 7.96
C HIS C 9 -27.55 -34.42 8.07
N LEU C 10 -26.85 -34.26 6.95
CA LEU C 10 -25.72 -33.34 6.88
C LEU C 10 -26.23 -31.93 6.63
N THR C 11 -25.61 -30.97 7.32
CA THR C 11 -26.03 -29.58 7.22
C THR C 11 -24.91 -28.68 7.71
N LYS C 12 -24.86 -27.47 7.15
CA LYS C 12 -23.90 -26.46 7.56
C LYS C 12 -24.58 -25.09 7.50
N ILE C 13 -24.52 -24.36 8.61
CA ILE C 13 -25.12 -23.05 8.73
C ILE C 13 -24.08 -22.08 9.27
N PHE C 14 -23.97 -20.92 8.65
CA PHE C 14 -23.00 -19.90 9.05
C PHE C 14 -23.62 -19.02 10.13
N GLY C 15 -22.89 -17.98 10.53
CA GLY C 15 -23.43 -16.97 11.41
C GLY C 15 -23.78 -17.47 12.80
N LYS C 16 -24.02 -16.53 13.71
CA LYS C 16 -24.43 -16.87 15.06
C LYS C 16 -25.91 -17.19 15.08
N ARG C 17 -26.52 -17.25 16.28
CA ARG C 17 -27.86 -17.81 16.45
C ARG C 17 -27.85 -19.27 16.01
N ILE C 18 -26.88 -20.01 16.53
CA ILE C 18 -26.54 -21.32 15.98
C ILE C 18 -27.69 -22.29 16.18
N LYS C 19 -28.12 -22.49 17.42
CA LYS C 19 -29.15 -23.48 17.70
C LYS C 19 -30.51 -23.02 17.18
N THR C 20 -30.83 -21.75 17.34
CA THR C 20 -32.10 -21.24 16.83
C THR C 20 -32.16 -21.36 15.31
N ALA C 21 -31.09 -20.95 14.63
CA ALA C 21 -31.06 -21.07 13.17
C ALA C 21 -31.07 -22.53 12.74
N LEU C 22 -30.49 -23.41 13.55
CA LEU C 22 -30.50 -24.84 13.22
C LEU C 22 -31.91 -25.40 13.29
N THR C 23 -32.62 -25.09 14.37
CA THR C 23 -34.01 -25.52 14.48
C THR C 23 -34.88 -24.87 13.42
N MET C 24 -34.48 -23.68 12.97
CA MET C 24 -35.20 -23.01 11.89
C MET C 24 -35.03 -23.74 10.57
N VAL C 25 -33.80 -24.15 10.26
CA VAL C 25 -33.54 -24.81 8.98
C VAL C 25 -34.03 -26.24 8.98
N GLU C 26 -33.89 -26.96 10.09
CA GLU C 26 -34.34 -28.35 10.15
C GLU C 26 -35.84 -28.48 9.91
N LYS C 27 -36.60 -27.40 10.10
CA LYS C 27 -38.05 -27.46 9.93
C LYS C 27 -38.46 -27.44 8.47
N GLY C 28 -37.63 -26.89 7.60
CA GLY C 28 -37.99 -26.70 6.21
C GLY C 28 -38.48 -25.31 5.88
N GLU C 29 -38.19 -24.31 6.71
CA GLU C 29 -38.67 -22.96 6.52
C GLU C 29 -38.09 -22.38 5.23
N PRO C 30 -38.61 -21.23 4.78
CA PRO C 30 -38.07 -20.64 3.55
C PRO C 30 -36.60 -20.27 3.69
N LYS C 31 -35.89 -20.31 2.56
CA LYS C 31 -34.46 -20.01 2.54
C LYS C 31 -34.21 -18.56 2.17
N ASN C 32 -34.72 -18.12 1.02
CA ASN C 32 -34.56 -16.71 0.63
C ASN C 32 -35.02 -15.78 1.73
N GLU C 33 -36.09 -16.16 2.44
CA GLU C 33 -36.51 -15.41 3.63
C GLU C 33 -35.31 -15.09 4.52
N ILE C 34 -34.62 -16.14 4.98
CA ILE C 34 -33.49 -15.94 5.89
C ILE C 34 -32.25 -15.46 5.15
N LEU C 35 -32.13 -15.76 3.85
CA LEU C 35 -31.00 -15.26 3.09
C LEU C 35 -31.02 -13.73 3.01
N LYS C 36 -32.21 -13.13 2.99
CA LYS C 36 -32.34 -11.69 2.88
C LYS C 36 -32.72 -11.03 4.21
N LYS C 37 -33.12 -11.80 5.21
CA LYS C 37 -33.66 -11.24 6.45
C LYS C 37 -32.57 -11.05 7.50
N THR C 38 -31.91 -12.13 7.90
CA THR C 38 -30.92 -12.07 8.97
C THR C 38 -29.49 -12.16 8.45
N GLY C 39 -29.26 -12.91 7.37
CA GLY C 39 -27.94 -13.09 6.83
C GLY C 39 -27.18 -14.27 7.39
N ALA C 40 -27.77 -15.01 8.32
CA ALA C 40 -27.15 -16.25 8.81
C ALA C 40 -27.33 -17.30 7.73
N THR C 41 -26.50 -17.18 6.69
CA THR C 41 -26.71 -17.89 5.43
C THR C 41 -26.88 -19.39 5.65
N VAL C 42 -27.44 -20.06 4.64
CA VAL C 42 -27.64 -21.50 4.66
C VAL C 42 -26.78 -22.11 3.57
N GLY C 43 -26.05 -23.17 3.91
CA GLY C 43 -25.19 -23.83 2.94
C GLY C 43 -25.73 -25.17 2.52
N VAL C 44 -26.44 -25.85 3.42
CA VAL C 44 -26.93 -27.20 3.17
C VAL C 44 -28.30 -27.35 3.82
N TYR C 45 -29.07 -28.31 3.30
CA TYR C 45 -30.45 -28.55 3.74
C TYR C 45 -30.60 -30.04 4.03
N ASP C 46 -30.22 -30.44 5.24
CA ASP C 46 -30.53 -31.76 5.79
C ASP C 46 -30.39 -32.86 4.73
N THR C 47 -29.18 -32.94 4.17
CA THR C 47 -28.93 -33.89 3.09
C THR C 47 -28.72 -35.29 3.65
N ASN C 48 -29.43 -36.26 3.09
CA ASN C 48 -29.35 -37.66 3.51
C ASN C 48 -29.24 -38.52 2.25
N PHE C 49 -28.02 -38.74 1.79
CA PHE C 49 -27.76 -39.57 0.62
C PHE C 49 -26.59 -40.48 0.93
N GLU C 50 -26.05 -41.12 -0.11
CA GLU C 50 -24.95 -42.06 0.07
C GLU C 50 -24.18 -42.19 -1.23
N ILE C 51 -22.98 -42.74 -1.13
CA ILE C 51 -22.11 -42.99 -2.27
C ILE C 51 -21.61 -44.43 -2.18
N ASN C 52 -21.81 -45.18 -3.25
CA ASN C 52 -21.35 -46.57 -3.31
C ASN C 52 -19.93 -46.64 -3.84
N GLU C 53 -19.25 -47.72 -3.50
CA GLU C 53 -17.85 -47.89 -3.88
C GLU C 53 -17.71 -48.03 -5.38
N GLY C 54 -16.63 -47.47 -5.91
CA GLY C 54 -16.31 -47.61 -7.31
C GLY C 54 -17.29 -46.92 -8.23
N GLU C 55 -17.56 -45.63 -8.00
CA GLU C 55 -18.47 -44.87 -8.83
C GLU C 55 -18.05 -43.41 -8.83
N ILE C 56 -18.87 -42.58 -9.47
CA ILE C 56 -18.58 -41.17 -9.69
C ILE C 56 -19.85 -40.40 -9.38
N PHE C 57 -19.93 -39.81 -8.19
CA PHE C 57 -21.14 -39.13 -7.74
C PHE C 57 -21.02 -37.63 -8.00
N VAL C 58 -21.15 -37.27 -9.28
CA VAL C 58 -21.06 -35.88 -9.68
C VAL C 58 -22.11 -35.07 -8.92
N ILE C 59 -21.84 -33.76 -8.81
CA ILE C 59 -22.71 -32.82 -8.10
C ILE C 59 -22.71 -31.53 -8.88
N MET C 60 -23.91 -30.99 -9.14
CA MET C 60 -24.08 -29.80 -9.97
C MET C 60 -24.87 -28.74 -9.22
N GLY C 61 -24.86 -27.55 -9.79
CA GLY C 61 -25.54 -26.41 -9.19
C GLY C 61 -24.84 -25.12 -9.56
N LEU C 62 -25.48 -23.99 -9.30
CA LEU C 62 -24.85 -22.70 -9.54
C LEU C 62 -24.42 -22.08 -8.21
N SER C 63 -23.86 -20.88 -8.29
CA SER C 63 -23.43 -20.18 -7.08
C SER C 63 -24.54 -20.18 -6.04
N GLY C 64 -24.14 -20.20 -4.77
CA GLY C 64 -25.09 -20.24 -3.68
C GLY C 64 -25.82 -21.55 -3.52
N SER C 65 -25.45 -22.58 -4.28
CA SER C 65 -26.08 -23.88 -4.18
C SER C 65 -25.50 -24.74 -3.07
N GLY C 66 -24.51 -24.24 -2.34
CA GLY C 66 -23.85 -25.06 -1.34
C GLY C 66 -23.27 -26.31 -1.98
N LYS C 67 -22.77 -26.13 -3.20
CA LYS C 67 -22.29 -27.28 -3.97
C LYS C 67 -20.93 -27.74 -3.49
N SER C 68 -19.92 -26.88 -3.59
CA SER C 68 -18.58 -27.24 -3.15
C SER C 68 -18.53 -27.43 -1.64
N THR C 69 -19.46 -26.79 -0.92
CA THR C 69 -19.45 -26.86 0.53
C THR C 69 -19.56 -28.30 1.02
N LEU C 70 -20.29 -29.14 0.29
CA LEU C 70 -20.49 -30.51 0.73
C LEU C 70 -19.17 -31.27 0.78
N LEU C 71 -18.31 -31.05 -0.21
CA LEU C 71 -17.00 -31.67 -0.20
C LEU C 71 -16.22 -31.27 1.05
N ARG C 72 -16.02 -29.96 1.22
CA ARG C 72 -15.25 -29.45 2.34
C ARG C 72 -15.85 -29.86 3.67
N LEU C 73 -17.14 -30.21 3.69
CA LEU C 73 -17.74 -30.76 4.90
C LEU C 73 -17.34 -32.22 5.08
N LEU C 74 -17.36 -32.99 3.98
CA LEU C 74 -16.89 -34.37 4.05
C LEU C 74 -15.47 -34.44 4.57
N ASN C 75 -14.62 -33.50 4.14
CA ASN C 75 -13.25 -33.44 4.63
C ASN C 75 -13.15 -32.82 6.00
N ARG C 76 -14.16 -32.05 6.42
CA ARG C 76 -14.16 -31.26 7.64
C ARG C 76 -13.27 -30.03 7.52
N LEU C 77 -12.94 -29.62 6.30
CA LEU C 77 -12.26 -28.35 6.12
C LEU C 77 -13.10 -27.19 6.66
N ILE C 78 -14.40 -27.39 6.77
CA ILE C 78 -15.31 -26.46 7.42
C ILE C 78 -16.20 -27.27 8.36
N GLU C 79 -16.27 -26.86 9.61
CA GLU C 79 -16.92 -27.67 10.63
C GLU C 79 -18.42 -27.77 10.38
N PRO C 80 -18.97 -28.97 10.23
CA PRO C 80 -20.41 -29.09 9.99
C PRO C 80 -21.21 -28.83 11.26
N THR C 81 -22.32 -28.11 11.10
CA THR C 81 -23.18 -27.81 12.24
C THR C 81 -23.70 -29.10 12.86
N SER C 82 -24.36 -29.93 12.05
CA SER C 82 -24.84 -31.23 12.52
C SER C 82 -24.96 -32.16 11.33
N GLY C 83 -24.97 -33.45 11.62
CA GLY C 83 -24.92 -34.49 10.62
C GLY C 83 -23.84 -35.49 10.93
N LYS C 84 -23.79 -36.53 10.11
CA LYS C 84 -22.80 -37.59 10.29
C LYS C 84 -22.43 -38.17 8.93
N ILE C 85 -21.20 -38.63 8.83
CA ILE C 85 -20.66 -39.21 7.60
C ILE C 85 -20.02 -40.53 8.00
N PHE C 86 -20.73 -41.62 7.80
CA PHE C 86 -20.25 -42.96 8.16
C PHE C 86 -19.46 -43.50 6.98
N ILE C 87 -18.17 -43.70 7.19
CA ILE C 87 -17.25 -44.18 6.15
C ILE C 87 -16.31 -45.19 6.79
N ASP C 88 -16.26 -46.39 6.22
CA ASP C 88 -15.44 -47.45 6.77
C ASP C 88 -15.82 -47.71 8.23
N ASN C 89 -17.12 -47.60 8.52
CA ASN C 89 -17.63 -47.75 9.88
C ASN C 89 -17.05 -46.69 10.81
N GLN C 90 -16.88 -45.48 10.27
CA GLN C 90 -16.31 -44.36 11.03
C GLN C 90 -17.15 -43.12 10.76
N ASP C 91 -17.64 -42.50 11.83
CA ASP C 91 -18.26 -41.19 11.74
C ASP C 91 -17.16 -40.14 11.89
N VAL C 92 -16.99 -39.31 10.86
CA VAL C 92 -15.88 -38.37 10.83
C VAL C 92 -16.12 -37.21 11.79
N ALA C 93 -17.36 -36.73 11.89
CA ALA C 93 -17.63 -35.55 12.72
C ALA C 93 -17.34 -35.79 14.19
N THR C 94 -17.21 -37.05 14.61
CA THR C 94 -16.97 -37.39 16.01
C THR C 94 -15.59 -38.01 16.22
N LEU C 95 -14.59 -37.53 15.48
CA LEU C 95 -13.24 -38.06 15.56
C LEU C 95 -12.33 -37.05 16.22
N ASN C 96 -11.37 -37.56 16.99
CA ASN C 96 -10.32 -36.72 17.55
C ASN C 96 -9.38 -36.26 16.44
N LYS C 97 -8.39 -35.47 16.82
CA LYS C 97 -7.50 -34.87 15.82
C LYS C 97 -6.78 -35.94 15.01
N GLU C 98 -6.10 -36.88 15.69
CA GLU C 98 -5.26 -37.83 14.99
C GLU C 98 -6.07 -38.76 14.09
N ASP C 99 -7.29 -39.11 14.50
CA ASP C 99 -8.09 -40.01 13.68
C ASP C 99 -8.49 -39.33 12.37
N LEU C 100 -8.95 -38.09 12.46
CA LEU C 100 -9.27 -37.34 11.25
C LEU C 100 -8.01 -37.11 10.41
N LEU C 101 -6.87 -36.93 11.08
CA LEU C 101 -5.61 -36.79 10.37
C LEU C 101 -5.34 -38.01 9.50
N GLN C 102 -5.41 -39.19 10.11
CA GLN C 102 -5.15 -40.42 9.35
C GLN C 102 -6.21 -40.64 8.29
N VAL C 103 -7.45 -40.26 8.57
CA VAL C 103 -8.51 -40.32 7.56
C VAL C 103 -8.07 -39.53 6.33
N ARG C 104 -7.78 -38.25 6.53
CA ARG C 104 -7.37 -37.39 5.42
C ARG C 104 -6.10 -37.90 4.76
N ARG C 105 -5.25 -38.58 5.51
CA ARG C 105 -3.95 -38.98 4.99
C ARG C 105 -4.02 -40.26 4.18
N LYS C 106 -5.00 -41.11 4.43
CA LYS C 106 -5.10 -42.38 3.72
C LYS C 106 -6.36 -42.49 2.88
N THR C 107 -7.53 -42.23 3.45
CA THR C 107 -8.78 -42.50 2.73
C THR C 107 -9.10 -41.41 1.71
N MET C 108 -9.28 -40.19 2.17
CA MET C 108 -9.74 -39.10 1.31
C MET C 108 -8.59 -38.21 0.89
N SER C 109 -8.79 -37.51 -0.22
CA SER C 109 -7.83 -36.56 -0.75
C SER C 109 -8.50 -35.79 -1.87
N MET C 110 -8.14 -34.52 -2.00
CA MET C 110 -8.88 -33.58 -2.83
C MET C 110 -8.08 -33.13 -4.04
N VAL C 111 -8.79 -32.57 -5.00
CA VAL C 111 -8.24 -31.87 -6.15
C VAL C 111 -8.97 -30.54 -6.25
N PHE C 112 -8.26 -29.50 -6.67
CA PHE C 112 -8.73 -28.15 -6.49
C PHE C 112 -8.98 -27.47 -7.83
N GLN C 113 -9.86 -26.46 -7.79
CA GLN C 113 -10.20 -25.70 -8.98
C GLN C 113 -8.98 -24.98 -9.53
N ASN C 114 -8.35 -24.15 -8.72
CA ASN C 114 -7.18 -23.40 -9.12
C ASN C 114 -5.87 -24.18 -8.92
N PHE C 115 -5.97 -25.50 -8.83
CA PHE C 115 -4.86 -26.45 -8.82
C PHE C 115 -4.18 -26.56 -7.47
N GLY C 116 -4.41 -25.63 -6.55
CA GLY C 116 -3.86 -25.72 -5.20
C GLY C 116 -2.44 -26.24 -5.15
N LEU C 117 -1.53 -25.58 -5.85
CA LEU C 117 -0.15 -26.02 -5.96
C LEU C 117 0.78 -25.08 -5.22
N PHE C 118 1.78 -25.65 -4.55
CA PHE C 118 2.80 -24.87 -3.87
C PHE C 118 3.78 -24.33 -4.90
N PRO C 119 3.70 -23.05 -5.26
CA PRO C 119 4.61 -22.55 -6.31
C PRO C 119 6.06 -22.56 -5.89
N HIS C 120 6.34 -22.46 -4.60
CA HIS C 120 7.70 -22.39 -4.11
C HIS C 120 8.39 -23.76 -4.09
N ARG C 121 7.70 -24.81 -4.50
CA ARG C 121 8.23 -26.16 -4.44
C ARG C 121 8.27 -26.76 -5.83
N THR C 122 9.23 -27.66 -6.04
CA THR C 122 9.35 -28.37 -7.30
C THR C 122 8.23 -29.40 -7.41
N ILE C 123 7.89 -29.75 -8.65
CA ILE C 123 6.79 -30.68 -8.87
C ILE C 123 7.03 -31.99 -8.13
N LEU C 124 8.13 -32.66 -8.44
CA LEU C 124 8.49 -33.85 -7.68
C LEU C 124 8.62 -33.55 -6.19
N GLU C 125 8.71 -32.29 -5.81
CA GLU C 125 8.67 -31.89 -4.41
C GLU C 125 7.23 -31.72 -3.93
N ASN C 126 6.35 -31.22 -4.80
CA ASN C 126 4.94 -31.12 -4.46
C ASN C 126 4.29 -32.50 -4.39
N THR C 127 4.31 -33.21 -5.52
CA THR C 127 3.67 -34.50 -5.66
C THR C 127 3.94 -35.42 -4.47
N GLU C 128 5.09 -35.28 -3.84
CA GLU C 128 5.44 -36.09 -2.69
C GLU C 128 4.93 -35.52 -1.38
N TYR C 129 4.31 -34.33 -1.41
CA TYR C 129 3.80 -33.74 -0.19
C TYR C 129 2.86 -34.69 0.54
N GLY C 130 1.96 -35.32 -0.21
CA GLY C 130 1.05 -36.28 0.40
C GLY C 130 1.77 -37.35 1.19
N LEU C 131 3.02 -37.63 0.86
CA LEU C 131 3.83 -38.58 1.60
C LEU C 131 4.68 -37.89 2.64
N GLU C 132 5.33 -36.79 2.25
CA GLU C 132 6.13 -36.02 3.20
C GLU C 132 5.37 -35.79 4.50
N VAL C 133 4.09 -35.41 4.39
CA VAL C 133 3.27 -35.22 5.57
C VAL C 133 3.17 -36.49 6.39
N GLN C 134 3.34 -37.65 5.77
CA GLN C 134 3.24 -38.92 6.47
C GLN C 134 4.57 -39.41 7.02
N ASN C 135 5.64 -38.65 6.81
CA ASN C 135 6.99 -39.07 7.21
C ASN C 135 7.33 -40.40 6.56
N VAL C 136 7.41 -40.38 5.23
CA VAL C 136 7.68 -41.56 4.43
C VAL C 136 9.15 -41.57 4.04
N PRO C 137 9.78 -42.74 3.94
CA PRO C 137 11.16 -42.78 3.43
C PRO C 137 11.33 -41.97 2.17
N LYS C 138 12.33 -41.09 2.17
CA LYS C 138 12.56 -40.20 1.04
C LYS C 138 12.61 -40.99 -0.28
N GLU C 139 13.34 -42.10 -0.28
CA GLU C 139 13.45 -42.90 -1.51
C GLU C 139 12.10 -43.49 -1.90
N GLU C 140 11.37 -44.05 -0.93
CA GLU C 140 10.07 -44.66 -1.22
C GLU C 140 9.13 -43.64 -1.83
N ARG C 141 8.93 -42.51 -1.15
CA ARG C 141 8.02 -41.50 -1.64
C ARG C 141 8.50 -40.91 -2.96
N ARG C 142 9.82 -40.82 -3.15
CA ARG C 142 10.34 -40.33 -4.42
C ARG C 142 9.95 -41.26 -5.56
N LYS C 143 10.13 -42.56 -5.36
CA LYS C 143 9.78 -43.51 -6.41
C LYS C 143 8.27 -43.53 -6.65
N ARG C 144 7.47 -43.42 -5.59
CA ARG C 144 6.03 -43.37 -5.76
C ARG C 144 5.62 -42.14 -6.58
N ALA C 145 6.21 -40.99 -6.27
CA ALA C 145 5.91 -39.77 -7.01
C ALA C 145 6.34 -39.90 -8.47
N GLU C 146 7.50 -40.50 -8.71
CA GLU C 146 7.97 -40.66 -10.08
C GLU C 146 7.06 -41.59 -10.86
N LYS C 147 6.61 -42.68 -10.22
CA LYS C 147 5.67 -43.57 -10.89
C LYS C 147 4.34 -42.88 -11.14
N ALA C 148 3.92 -42.00 -10.24
CA ALA C 148 2.67 -41.27 -10.44
C ALA C 148 2.79 -40.32 -11.62
N LEU C 149 3.91 -39.61 -11.73
CA LEU C 149 4.14 -38.76 -12.88
C LEU C 149 4.20 -39.59 -14.16
N ASP C 150 4.83 -40.76 -14.09
CA ASP C 150 4.87 -41.65 -15.25
C ASP C 150 3.47 -42.03 -15.71
N ASN C 151 2.63 -42.44 -14.76
CA ASN C 151 1.24 -42.77 -15.09
C ASN C 151 0.55 -41.61 -15.80
N ALA C 152 1.04 -40.39 -15.60
CA ALA C 152 0.54 -39.22 -16.29
C ALA C 152 1.50 -38.71 -17.36
N ASN C 153 2.69 -39.30 -17.46
CA ASN C 153 3.65 -38.96 -18.51
C ASN C 153 4.14 -37.52 -18.37
N LEU C 154 4.60 -37.18 -17.17
CA LEU C 154 5.19 -35.87 -16.92
C LEU C 154 6.42 -35.98 -16.03
N LEU C 155 7.04 -37.16 -15.99
CA LEU C 155 8.24 -37.32 -15.18
C LEU C 155 9.39 -36.48 -15.70
N ASP C 156 9.39 -36.17 -17.00
CA ASP C 156 10.47 -35.36 -17.56
C ASP C 156 10.51 -33.97 -16.91
N PHE C 157 9.37 -33.47 -16.46
CA PHE C 157 9.27 -32.13 -15.87
C PHE C 157 9.41 -32.15 -14.35
N LYS C 158 10.12 -33.12 -13.81
CA LYS C 158 10.23 -33.30 -12.37
C LYS C 158 11.14 -32.30 -11.70
N ASP C 159 11.59 -31.25 -12.40
CA ASP C 159 12.46 -30.27 -11.80
C ASP C 159 12.05 -28.84 -12.12
N GLN C 160 11.01 -28.63 -12.93
CA GLN C 160 10.54 -27.30 -13.25
C GLN C 160 9.70 -26.78 -12.09
N TYR C 161 9.06 -25.63 -12.29
CA TYR C 161 8.18 -25.07 -11.29
C TYR C 161 6.82 -24.76 -11.91
N PRO C 162 5.76 -24.77 -11.10
CA PRO C 162 4.41 -24.60 -11.66
C PRO C 162 4.24 -23.32 -12.46
N LYS C 163 4.89 -22.23 -12.04
CA LYS C 163 4.75 -20.97 -12.75
C LYS C 163 5.16 -21.08 -14.22
N GLN C 164 5.91 -22.12 -14.57
CA GLN C 164 6.41 -22.29 -15.93
C GLN C 164 5.61 -23.30 -16.74
N LEU C 165 4.44 -23.72 -16.25
CA LEU C 165 3.67 -24.78 -16.86
C LEU C 165 2.31 -24.26 -17.33
N SER C 166 1.48 -25.18 -17.80
CA SER C 166 0.17 -24.89 -18.36
C SER C 166 -0.91 -25.40 -17.42
N GLY C 167 -2.10 -24.80 -17.55
CA GLY C 167 -3.21 -25.23 -16.71
C GLY C 167 -3.42 -26.73 -16.73
N GLY C 168 -3.29 -27.34 -17.91
CA GLY C 168 -3.47 -28.78 -18.01
C GLY C 168 -2.44 -29.54 -17.20
N MET C 169 -1.17 -29.19 -17.37
CA MET C 169 -0.13 -29.85 -16.61
C MET C 169 -0.25 -29.56 -15.12
N GLN C 170 -0.68 -28.36 -14.75
CA GLN C 170 -0.89 -28.05 -13.34
C GLN C 170 -1.95 -28.97 -12.75
N GLN C 171 -3.09 -29.09 -13.42
CA GLN C 171 -4.14 -29.99 -12.95
C GLN C 171 -3.65 -31.42 -12.89
N ARG C 172 -2.86 -31.84 -13.88
CA ARG C 172 -2.34 -33.20 -13.87
C ARG C 172 -1.43 -33.44 -12.68
N VAL C 173 -0.63 -32.43 -12.33
CA VAL C 173 0.26 -32.57 -11.19
C VAL C 173 -0.53 -32.58 -9.89
N GLY C 174 -1.58 -31.78 -9.81
CA GLY C 174 -2.45 -31.85 -8.64
C GLY C 174 -3.08 -33.22 -8.49
N LEU C 175 -3.52 -33.80 -9.59
CA LEU C 175 -4.13 -35.12 -9.51
C LEU C 175 -3.08 -36.18 -9.17
N ALA C 176 -1.86 -36.01 -9.65
CA ALA C 176 -0.78 -36.91 -9.26
C ALA C 176 -0.51 -36.81 -7.77
N ARG C 177 -0.54 -35.59 -7.23
CA ARG C 177 -0.39 -35.42 -5.79
C ARG C 177 -1.51 -36.13 -5.05
N ALA C 178 -2.73 -36.04 -5.57
CA ALA C 178 -3.85 -36.77 -4.95
C ALA C 178 -3.63 -38.27 -5.00
N LEU C 179 -3.10 -38.78 -6.11
CA LEU C 179 -3.01 -40.23 -6.31
C LEU C 179 -1.85 -40.84 -5.52
N ALA C 180 -0.73 -40.13 -5.44
CA ALA C 180 0.47 -40.69 -4.81
C ALA C 180 0.17 -41.31 -3.46
N ASN C 181 -0.88 -40.83 -2.79
CA ASN C 181 -1.31 -41.41 -1.53
C ASN C 181 -2.08 -42.71 -1.71
N ASP C 182 -2.42 -43.06 -2.94
CA ASP C 182 -3.24 -44.23 -3.25
C ASP C 182 -4.43 -44.27 -2.29
N PRO C 183 -5.35 -43.33 -2.41
CA PRO C 183 -6.51 -43.32 -1.52
C PRO C 183 -7.64 -44.21 -2.01
N GLU C 184 -8.71 -44.28 -1.24
CA GLU C 184 -9.94 -44.94 -1.67
C GLU C 184 -11.00 -43.96 -2.14
N ILE C 185 -10.80 -42.67 -1.92
CA ILE C 185 -11.74 -41.63 -2.30
C ILE C 185 -10.98 -40.53 -3.00
N LEU C 186 -11.62 -39.93 -3.98
CA LEU C 186 -11.04 -38.85 -4.76
C LEU C 186 -12.05 -37.71 -4.85
N LEU C 187 -11.70 -36.57 -4.27
CA LEU C 187 -12.55 -35.40 -4.24
C LEU C 187 -12.05 -34.37 -5.25
N MET C 188 -12.98 -33.70 -5.90
CA MET C 188 -12.66 -32.64 -6.85
C MET C 188 -13.65 -31.51 -6.68
N ASP C 189 -13.17 -30.29 -6.87
CA ASP C 189 -13.96 -29.08 -6.70
C ASP C 189 -13.72 -28.19 -7.91
N GLU C 190 -14.56 -28.34 -8.93
CA GLU C 190 -14.45 -27.54 -10.15
C GLU C 190 -13.07 -27.73 -10.78
N ALA C 191 -12.67 -29.00 -10.89
CA ALA C 191 -11.30 -29.32 -11.28
C ALA C 191 -10.90 -28.65 -12.60
N PHE C 192 -11.84 -28.51 -13.53
CA PHE C 192 -11.53 -28.09 -14.89
C PHE C 192 -12.27 -26.82 -15.27
N SER C 193 -12.51 -25.93 -14.31
CA SER C 193 -13.16 -24.67 -14.61
C SER C 193 -12.23 -23.66 -15.28
N ALA C 194 -10.93 -23.80 -15.10
CA ALA C 194 -9.95 -22.91 -15.69
C ALA C 194 -9.32 -23.48 -16.95
N LEU C 195 -9.97 -24.47 -17.57
CA LEU C 195 -9.47 -25.10 -18.78
C LEU C 195 -10.42 -24.83 -19.94
N ASP C 196 -9.99 -25.26 -21.13
CA ASP C 196 -10.76 -25.14 -22.34
C ASP C 196 -11.34 -26.48 -22.75
N PRO C 197 -12.36 -26.49 -23.62
CA PRO C 197 -13.08 -27.73 -23.91
C PRO C 197 -12.18 -28.90 -24.31
N LEU C 198 -11.15 -28.66 -25.13
CA LEU C 198 -10.32 -29.77 -25.60
C LEU C 198 -9.65 -30.47 -24.44
N ILE C 199 -8.79 -29.75 -23.71
CA ILE C 199 -8.07 -30.36 -22.60
C ILE C 199 -9.04 -30.82 -21.53
N ARG C 200 -10.16 -30.10 -21.36
CA ARG C 200 -11.18 -30.55 -20.43
C ARG C 200 -11.63 -31.97 -20.75
N ARG C 201 -12.05 -32.20 -21.99
CA ARG C 201 -12.54 -33.51 -22.38
C ARG C 201 -11.42 -34.55 -22.37
N GLU C 202 -10.20 -34.14 -22.70
CA GLU C 202 -9.08 -35.08 -22.65
C GLU C 202 -8.84 -35.57 -21.23
N MET C 203 -8.80 -34.64 -20.28
CA MET C 203 -8.66 -35.01 -18.88
C MET C 203 -9.83 -35.87 -18.42
N GLN C 204 -11.03 -35.55 -18.89
CA GLN C 204 -12.20 -36.38 -18.55
C GLN C 204 -11.98 -37.82 -19.00
N ASP C 205 -11.54 -37.99 -20.25
CA ASP C 205 -11.34 -39.34 -20.77
C ASP C 205 -10.24 -40.07 -20.01
N GLU C 206 -9.14 -39.38 -19.74
CA GLU C 206 -8.07 -40.01 -18.96
C GLU C 206 -8.56 -40.39 -17.57
N LEU C 207 -9.42 -39.56 -16.99
CA LEU C 207 -9.94 -39.84 -15.66
C LEU C 207 -10.80 -41.09 -15.67
N LEU C 208 -11.70 -41.22 -16.64
CA LEU C 208 -12.52 -42.42 -16.69
C LEU C 208 -11.67 -43.65 -16.98
N GLU C 209 -10.64 -43.49 -17.81
CA GLU C 209 -9.75 -44.60 -18.09
C GLU C 209 -9.08 -45.09 -16.82
N LEU C 210 -8.55 -44.17 -16.01
CA LEU C 210 -7.92 -44.55 -14.76
C LEU C 210 -8.93 -45.15 -13.79
N GLN C 211 -10.14 -44.58 -13.75
CA GLN C 211 -11.16 -45.07 -12.82
C GLN C 211 -11.55 -46.51 -13.14
N ALA C 212 -11.70 -46.82 -14.43
CA ALA C 212 -12.04 -48.18 -14.82
C ALA C 212 -10.85 -49.11 -14.62
N LYS C 213 -9.66 -48.66 -14.99
CA LYS C 213 -8.45 -49.46 -14.77
C LYS C 213 -8.15 -49.57 -13.27
N PHE C 214 -8.04 -48.43 -12.59
CA PHE C 214 -7.84 -48.38 -11.15
C PHE C 214 -9.15 -47.96 -10.52
N GLN C 215 -9.81 -48.90 -9.84
CA GLN C 215 -11.10 -48.63 -9.24
C GLN C 215 -10.93 -47.92 -7.91
N LYS C 216 -11.70 -46.86 -7.70
CA LYS C 216 -11.71 -46.13 -6.45
C LYS C 216 -12.84 -45.12 -6.49
N THR C 217 -13.40 -44.84 -5.31
CA THR C 217 -14.54 -43.93 -5.23
C THR C 217 -14.15 -42.52 -5.63
N ILE C 218 -15.05 -41.84 -6.31
CA ILE C 218 -14.85 -40.46 -6.73
C ILE C 218 -16.11 -39.68 -6.41
N ILE C 219 -15.94 -38.42 -6.04
CA ILE C 219 -17.05 -37.48 -5.97
C ILE C 219 -16.60 -36.19 -6.66
N PHE C 220 -17.44 -35.69 -7.55
CA PHE C 220 -17.06 -34.70 -8.54
C PHE C 220 -17.99 -33.51 -8.45
N VAL C 221 -17.45 -32.33 -8.76
CA VAL C 221 -18.18 -31.09 -8.74
C VAL C 221 -17.99 -30.40 -10.09
N SER C 222 -19.10 -29.97 -10.69
CA SER C 222 -19.05 -29.38 -12.02
C SER C 222 -20.30 -28.52 -12.22
N HIS C 223 -20.36 -27.85 -13.37
CA HIS C 223 -21.47 -26.97 -13.69
C HIS C 223 -22.29 -27.50 -14.85
N ASP C 224 -21.62 -28.09 -15.84
CA ASP C 224 -22.25 -28.48 -17.09
C ASP C 224 -22.69 -29.94 -17.05
N LEU C 225 -23.83 -30.22 -17.66
CA LEU C 225 -24.38 -31.57 -17.69
C LEU C 225 -23.72 -32.44 -18.75
N ASN C 226 -23.17 -31.84 -19.80
CA ASN C 226 -22.54 -32.63 -20.86
C ASN C 226 -21.38 -33.45 -20.30
N GLU C 227 -20.48 -32.79 -19.55
CA GLU C 227 -19.38 -33.50 -18.94
C GLU C 227 -19.86 -34.50 -17.90
N ALA C 228 -20.92 -34.15 -17.16
CA ALA C 228 -21.45 -35.07 -16.16
C ALA C 228 -21.92 -36.35 -16.80
N LEU C 229 -22.57 -36.26 -17.96
CA LEU C 229 -23.02 -37.48 -18.63
C LEU C 229 -21.86 -38.17 -19.33
N ARG C 230 -20.85 -37.42 -19.77
CA ARG C 230 -19.65 -38.04 -20.31
C ARG C 230 -18.97 -38.90 -19.26
N ILE C 231 -18.97 -38.44 -18.01
CA ILE C 231 -18.15 -39.01 -16.95
C ILE C 231 -18.99 -39.51 -15.79
N GLY C 232 -20.00 -38.76 -15.39
CA GLY C 232 -20.76 -39.06 -14.19
C GLY C 232 -21.53 -40.37 -14.25
N ASP C 233 -21.34 -41.22 -13.23
CA ASP C 233 -22.09 -42.46 -13.11
C ASP C 233 -23.32 -42.34 -12.23
N ARG C 234 -23.39 -41.31 -11.39
CA ARG C 234 -24.58 -41.02 -10.61
C ARG C 234 -24.60 -39.52 -10.34
N ILE C 235 -25.33 -38.79 -11.15
CA ILE C 235 -25.32 -37.33 -11.08
C ILE C 235 -26.29 -36.87 -10.00
N ALA C 236 -26.01 -35.69 -9.45
CA ALA C 236 -26.82 -35.12 -8.38
C ALA C 236 -26.91 -33.61 -8.59
N ILE C 237 -28.13 -33.11 -8.71
CA ILE C 237 -28.37 -31.68 -8.84
C ILE C 237 -28.58 -31.07 -7.46
N MET C 238 -28.24 -29.79 -7.32
CA MET C 238 -28.37 -29.10 -6.05
C MET C 238 -28.68 -27.64 -6.31
N LYS C 239 -29.39 -27.03 -5.36
CA LYS C 239 -29.70 -25.61 -5.41
C LYS C 239 -30.19 -25.19 -4.04
N ASP C 240 -29.86 -23.96 -3.65
CA ASP C 240 -30.18 -23.43 -2.33
C ASP C 240 -29.74 -24.40 -1.23
N GLY C 241 -28.68 -25.17 -1.51
CA GLY C 241 -28.16 -26.10 -0.53
C GLY C 241 -28.99 -27.33 -0.33
N LYS C 242 -29.80 -27.72 -1.30
CA LYS C 242 -30.67 -28.88 -1.21
C LYS C 242 -30.45 -29.78 -2.42
N ILE C 243 -30.23 -31.07 -2.16
CA ILE C 243 -30.07 -32.03 -3.25
C ILE C 243 -31.42 -32.33 -3.87
N MET C 244 -31.43 -32.48 -5.19
CA MET C 244 -32.67 -32.74 -5.93
C MET C 244 -32.87 -34.23 -6.19
N GLN C 245 -31.87 -34.92 -6.70
CA GLN C 245 -32.01 -36.32 -7.06
C GLN C 245 -30.64 -36.94 -7.26
N ILE C 246 -30.62 -38.22 -7.62
CA ILE C 246 -29.41 -39.00 -7.83
C ILE C 246 -29.52 -39.80 -9.12
N GLY C 247 -29.90 -39.13 -10.20
CA GLY C 247 -30.24 -39.82 -11.43
C GLY C 247 -29.06 -40.02 -12.35
N THR C 248 -28.84 -41.27 -12.76
CA THR C 248 -27.82 -41.58 -13.76
C THR C 248 -28.32 -41.29 -15.16
N GLY C 249 -29.37 -41.99 -15.59
CA GLY C 249 -29.98 -41.76 -16.88
C GLY C 249 -31.44 -41.39 -16.74
N GLU C 250 -31.91 -41.28 -15.49
CA GLU C 250 -33.27 -40.85 -15.21
C GLU C 250 -33.37 -39.34 -15.04
N GLU C 251 -32.35 -38.71 -14.47
CA GLU C 251 -32.36 -37.26 -14.29
C GLU C 251 -32.66 -36.55 -15.60
N ILE C 252 -32.18 -37.09 -16.73
CA ILE C 252 -32.51 -36.52 -18.02
C ILE C 252 -34.00 -36.63 -18.30
N LEU C 253 -34.69 -37.58 -17.66
CA LEU C 253 -36.10 -37.82 -17.89
C LEU C 253 -36.97 -37.12 -16.85
N THR C 254 -36.75 -37.42 -15.57
CA THR C 254 -37.51 -36.81 -14.49
C THR C 254 -36.88 -35.46 -14.14
N ASN C 255 -37.57 -34.38 -14.50
CA ASN C 255 -37.02 -33.03 -14.39
C ASN C 255 -37.99 -32.09 -13.69
N PRO C 256 -38.08 -32.15 -12.37
CA PRO C 256 -38.72 -31.07 -11.63
C PRO C 256 -37.87 -29.80 -11.69
N ALA C 257 -37.90 -29.13 -12.85
CA ALA C 257 -37.05 -27.97 -13.12
C ALA C 257 -35.58 -28.38 -13.30
N ASN C 258 -35.38 -29.58 -13.86
CA ASN C 258 -34.05 -30.05 -14.24
C ASN C 258 -33.93 -30.15 -15.76
N ASP C 259 -34.58 -29.23 -16.47
CA ASP C 259 -34.65 -29.25 -17.93
C ASP C 259 -33.38 -28.72 -18.58
N TYR C 260 -32.29 -28.60 -17.83
CA TYR C 260 -31.05 -28.05 -18.34
C TYR C 260 -30.39 -28.95 -19.38
N VAL C 261 -30.99 -30.09 -19.70
CA VAL C 261 -30.40 -31.02 -20.67
C VAL C 261 -30.44 -30.42 -22.07
N LYS C 262 -31.59 -29.89 -22.48
CA LYS C 262 -31.78 -29.38 -23.83
C LYS C 262 -31.60 -30.49 -24.86
N VAL D 3 -10.77 32.49 -42.77
CA VAL D 3 -10.50 31.32 -41.94
C VAL D 3 -10.02 31.76 -40.57
N LYS D 4 -10.43 31.03 -39.53
CA LYS D 4 -10.03 31.34 -38.17
C LYS D 4 -8.73 30.67 -37.78
N ILE D 5 -8.50 29.45 -38.26
CA ILE D 5 -7.30 28.68 -37.95
C ILE D 5 -6.57 28.39 -39.24
N LYS D 6 -5.24 28.37 -39.17
CA LYS D 6 -4.41 27.89 -40.27
C LYS D 6 -3.24 27.12 -39.69
N ILE D 7 -3.10 25.87 -40.09
CA ILE D 7 -2.01 25.02 -39.62
C ILE D 7 -0.86 25.08 -40.62
N GLU D 8 0.34 24.85 -40.13
CA GLU D 8 1.54 24.86 -40.97
C GLU D 8 2.54 23.87 -40.41
N HIS D 9 2.60 22.69 -41.00
CA HIS D 9 3.63 21.69 -40.73
C HIS D 9 3.72 21.38 -39.24
N LEU D 10 2.63 20.85 -38.70
CA LEU D 10 2.59 20.49 -37.30
C LEU D 10 3.26 19.14 -37.09
N THR D 11 4.17 19.08 -36.12
CA THR D 11 4.96 17.89 -35.85
C THR D 11 5.05 17.67 -34.35
N LYS D 12 4.87 16.44 -33.92
CA LYS D 12 5.05 16.07 -32.52
C LYS D 12 5.70 14.70 -32.45
N ILE D 13 6.89 14.63 -31.85
CA ILE D 13 7.64 13.39 -31.71
C ILE D 13 8.16 13.30 -30.28
N PHE D 14 7.96 12.15 -29.66
CA PHE D 14 8.34 11.93 -28.27
C PHE D 14 9.81 11.50 -28.21
N GLY D 15 10.24 11.08 -27.03
CA GLY D 15 11.54 10.44 -26.87
C GLY D 15 12.70 11.36 -27.19
N LYS D 16 13.90 10.80 -27.00
CA LYS D 16 15.14 11.51 -27.27
C LYS D 16 15.42 11.49 -28.78
N ARG D 17 16.62 11.86 -29.17
CA ARG D 17 17.00 11.95 -30.58
C ARG D 17 16.06 12.90 -31.31
N ILE D 18 15.78 14.03 -30.65
CA ILE D 18 14.74 14.95 -31.14
C ILE D 18 15.02 15.34 -32.59
N LYS D 19 16.14 16.01 -32.82
CA LYS D 19 16.43 16.48 -34.17
C LYS D 19 16.83 15.33 -35.08
N THR D 20 17.66 14.41 -34.58
CA THR D 20 18.08 13.27 -35.38
C THR D 20 16.87 12.47 -35.85
N ALA D 21 16.01 12.07 -34.91
CA ALA D 21 14.83 11.29 -35.29
C ALA D 21 13.88 12.11 -36.14
N LEU D 22 13.71 13.39 -35.82
CA LEU D 22 12.83 14.24 -36.60
C LEU D 22 13.25 14.26 -38.06
N THR D 23 14.53 14.48 -38.32
CA THR D 23 15.00 14.57 -39.70
C THR D 23 15.05 13.20 -40.37
N MET D 24 15.40 12.15 -39.62
CA MET D 24 15.42 10.81 -40.21
C MET D 24 14.03 10.38 -40.64
N VAL D 25 13.01 10.73 -39.85
CA VAL D 25 11.64 10.45 -40.26
C VAL D 25 11.16 11.43 -41.32
N GLU D 26 11.72 12.64 -41.37
CA GLU D 26 11.34 13.60 -42.39
C GLU D 26 11.55 13.07 -43.80
N LYS D 27 12.33 12.01 -43.95
CA LYS D 27 12.42 11.32 -45.22
C LYS D 27 11.05 10.88 -45.73
N GLY D 28 10.06 10.78 -44.84
CA GLY D 28 8.71 10.45 -45.25
C GLY D 28 8.40 8.97 -45.27
N GLU D 29 9.16 8.18 -44.51
CA GLU D 29 8.91 6.74 -44.49
C GLU D 29 7.70 6.41 -43.64
N PRO D 30 7.08 5.26 -43.87
CA PRO D 30 5.96 4.85 -43.00
C PRO D 30 6.38 4.84 -41.54
N LYS D 31 5.52 5.41 -40.70
CA LYS D 31 5.86 5.56 -39.29
C LYS D 31 6.01 4.20 -38.61
N ASN D 32 5.34 3.17 -39.12
CA ASN D 32 5.41 1.85 -38.49
C ASN D 32 6.85 1.42 -38.29
N GLU D 33 7.69 1.59 -39.31
CA GLU D 33 9.08 1.19 -39.19
C GLU D 33 9.76 1.87 -38.02
N ILE D 34 9.61 3.20 -37.91
CA ILE D 34 10.36 3.95 -36.92
C ILE D 34 9.76 3.77 -35.52
N LEU D 35 8.46 3.50 -35.43
CA LEU D 35 7.84 3.27 -34.13
C LEU D 35 8.01 1.84 -33.65
N LYS D 36 8.31 0.90 -34.55
CA LYS D 36 8.50 -0.49 -34.17
C LYS D 36 9.97 -0.82 -33.92
N LYS D 37 10.83 -0.53 -34.89
CA LYS D 37 12.24 -0.90 -34.82
C LYS D 37 13.07 0.18 -34.13
N THR D 38 13.09 1.40 -34.67
CA THR D 38 13.92 2.45 -34.10
C THR D 38 13.39 2.96 -32.77
N GLY D 39 12.16 2.61 -32.40
CA GLY D 39 11.62 2.93 -31.09
C GLY D 39 11.23 4.37 -30.89
N ALA D 40 11.38 5.23 -31.88
CA ALA D 40 11.02 6.64 -31.74
C ALA D 40 9.51 6.77 -31.95
N THR D 41 8.80 7.12 -30.89
CA THR D 41 7.35 7.24 -30.96
C THR D 41 6.98 8.47 -31.78
N VAL D 42 5.81 8.40 -32.43
CA VAL D 42 5.34 9.46 -33.31
C VAL D 42 3.90 9.79 -32.94
N GLY D 43 3.61 11.09 -32.86
CA GLY D 43 2.25 11.53 -32.64
C GLY D 43 1.58 11.99 -33.92
N VAL D 44 2.28 12.80 -34.71
CA VAL D 44 1.81 13.32 -35.97
C VAL D 44 2.99 13.40 -36.93
N TYR D 45 2.72 13.89 -38.14
CA TYR D 45 3.80 14.17 -39.09
C TYR D 45 3.29 15.19 -40.11
N ASP D 46 3.74 16.43 -39.98
CA ASP D 46 3.63 17.43 -41.05
C ASP D 46 2.20 17.52 -41.57
N THR D 47 1.30 17.91 -40.67
CA THR D 47 -0.11 18.12 -41.00
C THR D 47 -0.32 19.60 -41.26
N ASN D 48 -0.82 19.92 -42.46
CA ASN D 48 -1.00 21.30 -42.90
C ASN D 48 -2.44 21.45 -43.41
N PHE D 49 -3.36 21.73 -42.49
CA PHE D 49 -4.75 21.96 -42.84
C PHE D 49 -5.25 23.25 -42.18
N GLU D 50 -6.56 23.49 -42.23
CA GLU D 50 -7.11 24.72 -41.70
C GLU D 50 -8.54 24.46 -41.23
N ILE D 51 -9.05 25.40 -40.45
CA ILE D 51 -10.41 25.33 -39.90
C ILE D 51 -11.05 26.70 -40.04
N ASN D 52 -12.09 26.81 -40.86
CA ASN D 52 -12.76 28.07 -41.06
C ASN D 52 -13.77 28.32 -39.94
N GLU D 53 -14.06 29.59 -39.71
CA GLU D 53 -14.95 29.98 -38.62
C GLU D 53 -16.34 29.42 -38.84
N GLY D 54 -17.03 29.14 -37.74
CA GLY D 54 -18.41 28.70 -37.77
C GLY D 54 -18.60 27.35 -38.43
N GLU D 55 -17.75 26.37 -38.10
CA GLU D 55 -17.86 25.04 -38.68
C GLU D 55 -17.46 24.02 -37.62
N ILE D 56 -17.40 22.76 -38.06
CA ILE D 56 -17.14 21.63 -37.17
C ILE D 56 -16.16 20.72 -37.90
N PHE D 57 -14.88 20.77 -37.49
CA PHE D 57 -13.83 20.00 -38.15
C PHE D 57 -13.56 18.74 -37.34
N VAL D 58 -14.50 17.80 -37.44
CA VAL D 58 -14.37 16.54 -36.73
C VAL D 58 -13.07 15.85 -37.11
N ILE D 59 -12.58 14.99 -36.22
CA ILE D 59 -11.34 14.27 -36.40
C ILE D 59 -11.55 12.85 -35.93
N MET D 60 -11.31 11.88 -36.81
CA MET D 60 -11.47 10.47 -36.51
C MET D 60 -10.11 9.81 -36.35
N GLY D 61 -10.14 8.50 -36.15
CA GLY D 61 -8.93 7.72 -36.00
C GLY D 61 -9.12 6.60 -34.99
N LEU D 62 -8.67 5.40 -35.35
CA LEU D 62 -8.78 4.26 -34.45
C LEU D 62 -8.19 4.62 -33.10
N SER D 63 -8.77 4.09 -32.03
CA SER D 63 -8.29 4.39 -30.69
C SER D 63 -6.81 4.02 -30.61
N GLY D 64 -5.95 5.04 -30.51
CA GLY D 64 -4.51 4.85 -30.54
C GLY D 64 -3.83 5.44 -31.75
N SER D 65 -4.52 6.23 -32.57
CA SER D 65 -3.98 6.78 -33.80
C SER D 65 -3.62 8.25 -33.70
N GLY D 66 -3.39 8.77 -32.50
CA GLY D 66 -3.02 10.17 -32.37
C GLY D 66 -4.10 11.13 -32.81
N LYS D 67 -5.31 10.94 -32.30
CA LYS D 67 -6.42 11.80 -32.67
C LYS D 67 -6.54 13.01 -31.76
N SER D 68 -6.40 12.79 -30.45
CA SER D 68 -6.54 13.84 -29.46
C SER D 68 -5.25 14.61 -29.24
N THR D 69 -4.12 14.02 -29.64
CA THR D 69 -2.85 14.72 -29.52
C THR D 69 -2.86 16.01 -30.33
N LEU D 70 -3.51 16.00 -31.49
CA LEU D 70 -3.60 17.21 -32.29
C LEU D 70 -4.29 18.33 -31.50
N LEU D 71 -5.43 18.01 -30.89
CA LEU D 71 -6.10 18.96 -30.01
C LEU D 71 -5.13 19.46 -28.94
N ARG D 72 -4.65 18.54 -28.12
CA ARG D 72 -3.79 18.94 -27.00
C ARG D 72 -2.58 19.72 -27.46
N LEU D 73 -2.25 19.67 -28.76
CA LEU D 73 -1.19 20.51 -29.29
C LEU D 73 -1.71 21.89 -29.65
N LEU D 74 -2.95 21.97 -30.14
CA LEU D 74 -3.51 23.25 -30.54
C LEU D 74 -3.44 24.26 -29.40
N ASN D 75 -3.86 23.86 -28.21
CA ASN D 75 -3.77 24.71 -27.03
C ASN D 75 -2.48 24.50 -26.26
N ARG D 76 -1.57 23.66 -26.77
CA ARG D 76 -0.24 23.47 -26.21
C ARG D 76 -0.25 22.70 -24.90
N LEU D 77 -1.26 21.84 -24.70
CA LEU D 77 -1.18 20.92 -23.58
C LEU D 77 -0.05 19.93 -23.73
N ILE D 78 0.52 19.81 -24.92
CA ILE D 78 1.76 19.09 -25.16
C ILE D 78 2.63 19.95 -26.05
N GLU D 79 3.88 20.12 -25.68
CA GLU D 79 4.77 21.00 -26.41
C GLU D 79 5.03 20.44 -27.80
N PRO D 80 4.62 21.13 -28.86
CA PRO D 80 4.88 20.61 -30.21
C PRO D 80 6.32 20.84 -30.63
N THR D 81 6.90 19.83 -31.28
CA THR D 81 8.28 19.93 -31.74
C THR D 81 8.44 21.11 -32.69
N SER D 82 7.74 21.08 -33.82
CA SER D 82 7.80 22.15 -34.80
C SER D 82 6.47 22.23 -35.52
N GLY D 83 6.13 23.44 -35.93
CA GLY D 83 4.84 23.70 -36.54
C GLY D 83 4.35 25.08 -36.16
N LYS D 84 3.30 25.51 -36.85
CA LYS D 84 2.72 26.82 -36.63
C LYS D 84 1.20 26.72 -36.66
N ILE D 85 0.55 27.44 -35.77
CA ILE D 85 -0.90 27.49 -35.67
C ILE D 85 -1.29 28.96 -35.67
N PHE D 86 -1.60 29.48 -36.86
CA PHE D 86 -1.93 30.89 -37.02
C PHE D 86 -3.40 31.09 -36.73
N ILE D 87 -3.69 31.90 -35.72
CA ILE D 87 -5.06 32.24 -35.32
C ILE D 87 -5.09 33.72 -34.99
N ASP D 88 -6.16 34.39 -35.40
CA ASP D 88 -6.30 35.83 -35.17
C ASP D 88 -5.03 36.58 -35.58
N ASN D 89 -4.36 36.07 -36.61
CA ASN D 89 -3.06 36.61 -37.03
C ASN D 89 -2.01 36.42 -35.94
N GLN D 90 -2.10 35.31 -35.21
CA GLN D 90 -1.19 35.02 -34.10
C GLN D 90 -0.78 33.56 -34.18
N ASP D 91 0.53 33.31 -34.09
CA ASP D 91 1.04 31.95 -33.95
C ASP D 91 1.18 31.63 -32.46
N VAL D 92 0.67 30.47 -32.07
CA VAL D 92 0.62 30.13 -30.65
C VAL D 92 1.96 29.59 -30.16
N ALA D 93 2.61 28.76 -30.98
CA ALA D 93 3.86 28.14 -30.56
C ALA D 93 4.97 29.14 -30.30
N THR D 94 4.81 30.39 -30.72
CA THR D 94 5.81 31.43 -30.56
C THR D 94 5.37 32.48 -29.54
N LEU D 95 4.69 32.04 -28.49
CA LEU D 95 4.16 32.93 -27.48
C LEU D 95 4.77 32.60 -26.12
N ASN D 96 4.87 33.62 -25.28
CA ASN D 96 5.28 33.43 -23.90
C ASN D 96 4.11 32.87 -23.09
N LYS D 97 4.33 32.69 -21.79
CA LYS D 97 3.29 32.14 -20.94
C LYS D 97 2.09 33.07 -20.87
N GLU D 98 2.31 34.38 -20.91
CA GLU D 98 1.22 35.33 -20.72
C GLU D 98 0.26 35.33 -21.91
N ASP D 99 0.80 35.47 -23.12
CA ASP D 99 -0.06 35.47 -24.30
C ASP D 99 -0.76 34.14 -24.46
N LEU D 100 -0.07 33.04 -24.19
CA LEU D 100 -0.68 31.72 -24.28
C LEU D 100 -1.79 31.56 -23.27
N LEU D 101 -1.58 32.07 -22.05
CA LEU D 101 -2.62 31.99 -21.03
C LEU D 101 -3.84 32.80 -21.45
N GLN D 102 -3.63 33.98 -22.01
CA GLN D 102 -4.77 34.77 -22.47
C GLN D 102 -5.49 34.07 -23.61
N VAL D 103 -4.74 33.43 -24.50
CA VAL D 103 -5.35 32.62 -25.56
C VAL D 103 -6.26 31.57 -24.95
N ARG D 104 -5.69 30.72 -24.10
CA ARG D 104 -6.47 29.67 -23.47
C ARG D 104 -7.66 30.22 -22.71
N ARG D 105 -7.53 31.44 -22.18
CA ARG D 105 -8.60 32.01 -21.37
C ARG D 105 -9.77 32.46 -22.24
N LYS D 106 -9.49 33.22 -23.29
CA LYS D 106 -10.53 33.90 -24.04
C LYS D 106 -10.93 33.20 -25.32
N THR D 107 -9.99 32.59 -26.04
CA THR D 107 -10.29 32.03 -27.36
C THR D 107 -10.69 30.56 -27.30
N MET D 108 -9.80 29.71 -26.82
CA MET D 108 -10.02 28.28 -26.84
C MET D 108 -10.40 27.75 -25.46
N SER D 109 -11.06 26.60 -25.45
CA SER D 109 -11.44 25.93 -24.22
C SER D 109 -11.95 24.55 -24.57
N MET D 110 -11.53 23.56 -23.79
CA MET D 110 -11.72 22.15 -24.13
C MET D 110 -12.92 21.55 -23.41
N VAL D 111 -13.23 20.32 -23.81
CA VAL D 111 -14.19 19.46 -23.14
C VAL D 111 -13.63 18.04 -23.18
N PHE D 112 -13.81 17.31 -22.10
CA PHE D 112 -13.03 16.10 -21.86
C PHE D 112 -13.90 14.86 -21.88
N GLN D 113 -13.24 13.73 -22.10
CA GLN D 113 -13.94 12.46 -22.18
C GLN D 113 -14.59 12.10 -20.86
N ASN D 114 -13.80 12.03 -19.79
CA ASN D 114 -14.30 11.75 -18.46
C ASN D 114 -14.81 12.98 -17.73
N PHE D 115 -15.13 14.04 -18.48
CA PHE D 115 -15.80 15.25 -18.03
C PHE D 115 -14.88 16.19 -17.28
N GLY D 116 -13.64 15.79 -16.98
CA GLY D 116 -12.69 16.65 -16.29
C GLY D 116 -13.29 17.61 -15.29
N LEU D 117 -14.01 17.10 -14.30
CA LEU D 117 -14.74 17.93 -13.35
C LEU D 117 -14.08 17.85 -11.98
N PHE D 118 -14.03 18.99 -11.30
CA PHE D 118 -13.48 19.06 -9.95
C PHE D 118 -14.53 18.53 -8.97
N PRO D 119 -14.36 17.31 -8.45
CA PRO D 119 -15.41 16.75 -7.59
C PRO D 119 -15.61 17.53 -6.30
N HIS D 120 -14.55 18.14 -5.77
CA HIS D 120 -14.65 18.89 -4.52
C HIS D 120 -15.34 20.24 -4.69
N ARG D 121 -15.73 20.60 -5.91
CA ARG D 121 -16.42 21.85 -6.17
C ARG D 121 -17.76 21.55 -6.82
N THR D 122 -18.78 22.30 -6.40
CA THR D 122 -20.13 22.07 -6.91
C THR D 122 -20.29 22.74 -8.27
N ILE D 123 -21.48 22.56 -8.85
CA ILE D 123 -21.71 22.98 -10.24
C ILE D 123 -21.44 24.47 -10.39
N LEU D 124 -22.21 25.30 -9.67
CA LEU D 124 -21.99 26.74 -9.73
C LEU D 124 -20.60 27.12 -9.26
N GLU D 125 -19.84 26.17 -8.71
CA GLU D 125 -18.45 26.39 -8.33
C GLU D 125 -17.50 26.02 -9.45
N ASN D 126 -17.74 24.88 -10.11
CA ASN D 126 -16.94 24.49 -11.25
C ASN D 126 -17.19 25.41 -12.43
N THR D 127 -18.44 25.45 -12.90
CA THR D 127 -18.80 26.22 -14.08
C THR D 127 -18.20 27.62 -14.06
N GLU D 128 -18.06 28.22 -12.88
CA GLU D 128 -17.47 29.55 -12.79
C GLU D 128 -15.97 29.54 -12.82
N TYR D 129 -15.34 28.36 -12.82
CA TYR D 129 -13.89 28.27 -12.83
C TYR D 129 -13.31 29.06 -14.00
N GLY D 130 -13.89 28.88 -15.19
CA GLY D 130 -13.38 29.58 -16.36
C GLY D 130 -13.28 31.08 -16.15
N LEU D 131 -14.08 31.62 -15.24
CA LEU D 131 -14.02 33.03 -14.89
C LEU D 131 -13.19 33.29 -13.65
N GLU D 132 -13.36 32.46 -12.61
CA GLU D 132 -12.51 32.59 -11.43
C GLU D 132 -11.05 32.71 -11.80
N VAL D 133 -10.60 31.88 -12.74
CA VAL D 133 -9.22 31.96 -13.20
C VAL D 133 -8.92 33.33 -13.77
N GLN D 134 -9.94 34.03 -14.26
CA GLN D 134 -9.76 35.33 -14.90
C GLN D 134 -9.89 36.49 -13.93
N ASN D 135 -10.03 36.20 -12.63
CA ASN D 135 -10.23 37.25 -11.63
C ASN D 135 -11.44 38.11 -12.01
N VAL D 136 -12.59 37.45 -12.03
CA VAL D 136 -13.85 38.06 -12.44
C VAL D 136 -14.68 38.38 -11.20
N PRO D 137 -15.43 39.48 -11.19
CA PRO D 137 -16.36 39.72 -10.08
C PRO D 137 -17.19 38.49 -9.77
N LYS D 138 -17.28 38.17 -8.47
CA LYS D 138 -18.02 36.99 -8.06
C LYS D 138 -19.46 37.05 -8.55
N GLU D 139 -20.08 38.21 -8.47
CA GLU D 139 -21.47 38.34 -8.91
C GLU D 139 -21.59 38.15 -10.42
N GLU D 140 -20.69 38.77 -11.19
CA GLU D 140 -20.74 38.66 -12.64
C GLU D 140 -20.51 37.23 -13.09
N ARG D 141 -19.45 36.60 -12.57
CA ARG D 141 -19.17 35.22 -12.94
C ARG D 141 -20.28 34.29 -12.48
N ARG D 142 -20.89 34.59 -11.33
CA ARG D 142 -22.00 33.78 -10.87
C ARG D 142 -23.18 33.87 -11.81
N LYS D 143 -23.51 35.09 -12.25
CA LYS D 143 -24.62 35.25 -13.19
C LYS D 143 -24.33 34.56 -14.51
N ARG D 144 -23.10 34.70 -15.01
CA ARG D 144 -22.75 34.05 -16.26
C ARG D 144 -22.84 32.54 -16.13
N ALA D 145 -22.38 32.00 -15.00
CA ALA D 145 -22.50 30.56 -14.76
C ALA D 145 -23.95 30.14 -14.73
N GLU D 146 -24.80 30.93 -14.07
CA GLU D 146 -26.20 30.53 -13.92
C GLU D 146 -26.93 30.57 -15.25
N LYS D 147 -26.60 31.55 -16.11
CA LYS D 147 -27.22 31.58 -17.43
C LYS D 147 -26.69 30.46 -18.31
N ALA D 148 -25.39 30.16 -18.20
CA ALA D 148 -24.84 29.03 -18.95
C ALA D 148 -25.46 27.73 -18.49
N LEU D 149 -25.89 27.67 -17.22
CA LEU D 149 -26.55 26.48 -16.72
C LEU D 149 -27.99 26.38 -17.23
N ASP D 150 -28.76 27.47 -17.07
CA ASP D 150 -30.16 27.43 -17.47
C ASP D 150 -30.31 27.31 -18.97
N ASN D 151 -29.30 27.71 -19.75
CA ASN D 151 -29.31 27.39 -21.17
C ASN D 151 -29.26 25.89 -21.39
N ALA D 152 -28.79 25.15 -20.40
CA ALA D 152 -28.82 23.70 -20.42
C ALA D 152 -29.85 23.12 -19.46
N ASN D 153 -30.59 23.98 -18.76
CA ASN D 153 -31.67 23.55 -17.87
C ASN D 153 -31.12 22.72 -16.70
N LEU D 154 -30.17 23.31 -15.97
CA LEU D 154 -29.63 22.69 -14.77
C LEU D 154 -29.41 23.67 -13.63
N LEU D 155 -29.92 24.90 -13.75
CA LEU D 155 -29.74 25.86 -12.67
C LEU D 155 -30.33 25.37 -11.36
N ASP D 156 -31.25 24.42 -11.41
CA ASP D 156 -31.81 23.87 -10.19
C ASP D 156 -30.77 23.13 -9.37
N PHE D 157 -29.79 22.51 -10.02
CA PHE D 157 -28.77 21.72 -9.34
C PHE D 157 -27.50 22.52 -9.10
N LYS D 158 -27.62 23.83 -8.89
CA LYS D 158 -26.47 24.71 -8.79
C LYS D 158 -25.76 24.62 -7.44
N ASP D 159 -26.08 23.61 -6.62
CA ASP D 159 -25.41 23.45 -5.34
C ASP D 159 -25.06 22.00 -5.03
N GLN D 160 -25.40 21.06 -5.89
CA GLN D 160 -25.03 19.66 -5.67
C GLN D 160 -23.56 19.47 -6.06
N TYR D 161 -23.09 18.23 -5.95
CA TYR D 161 -21.73 17.91 -6.31
C TYR D 161 -21.70 16.92 -7.47
N PRO D 162 -20.65 16.97 -8.29
CA PRO D 162 -20.62 16.09 -9.48
C PRO D 162 -20.83 14.63 -9.18
N LYS D 163 -20.25 14.11 -8.09
CA LYS D 163 -20.38 12.70 -7.79
C LYS D 163 -21.82 12.25 -7.67
N GLN D 164 -22.75 13.17 -7.46
CA GLN D 164 -24.16 12.86 -7.28
C GLN D 164 -24.98 13.09 -8.55
N LEU D 165 -24.32 13.16 -9.70
CA LEU D 165 -24.96 13.50 -10.96
C LEU D 165 -24.77 12.36 -11.97
N SER D 166 -25.28 12.58 -13.17
CA SER D 166 -25.29 11.59 -14.23
C SER D 166 -24.24 11.91 -15.28
N GLY D 167 -23.80 10.86 -15.97
CA GLY D 167 -22.82 11.06 -17.04
C GLY D 167 -23.21 12.17 -17.99
N GLY D 168 -24.47 12.13 -18.45
CA GLY D 168 -24.93 13.19 -19.34
C GLY D 168 -24.95 14.55 -18.66
N MET D 169 -25.38 14.58 -17.40
CA MET D 169 -25.39 15.84 -16.68
C MET D 169 -23.97 16.35 -16.44
N GLN D 170 -23.05 15.44 -16.13
CA GLN D 170 -21.65 15.84 -15.95
C GLN D 170 -21.08 16.41 -17.24
N GLN D 171 -21.39 15.78 -18.37
CA GLN D 171 -20.92 16.31 -19.65
C GLN D 171 -21.54 17.68 -19.93
N ARG D 172 -22.83 17.85 -19.63
CA ARG D 172 -23.45 19.15 -19.83
C ARG D 172 -22.81 20.21 -18.95
N VAL D 173 -22.40 19.82 -17.74
CA VAL D 173 -21.74 20.78 -16.85
C VAL D 173 -20.36 21.14 -17.39
N GLY D 174 -19.64 20.15 -17.89
CA GLY D 174 -18.36 20.44 -18.52
C GLY D 174 -18.51 21.38 -19.70
N LEU D 175 -19.55 21.19 -20.49
CA LEU D 175 -19.77 22.06 -21.63
C LEU D 175 -20.18 23.46 -21.18
N ALA D 176 -20.93 23.55 -20.09
CA ALA D 176 -21.26 24.85 -19.53
C ALA D 176 -20.01 25.56 -19.06
N ARG D 177 -19.10 24.83 -18.43
CA ARG D 177 -17.82 25.40 -18.03
C ARG D 177 -17.06 25.90 -19.23
N ALA D 178 -17.05 25.12 -20.32
CA ALA D 178 -16.37 25.55 -21.54
C ALA D 178 -17.01 26.79 -22.14
N LEU D 179 -18.33 26.91 -22.03
CA LEU D 179 -19.06 27.94 -22.75
C LEU D 179 -19.08 29.26 -21.98
N ALA D 180 -19.20 29.19 -20.65
CA ALA D 180 -19.30 30.39 -19.84
C ALA D 180 -18.21 31.39 -20.17
N ASN D 181 -17.05 30.92 -20.59
CA ASN D 181 -15.97 31.80 -20.99
C ASN D 181 -16.22 32.46 -22.33
N ASP D 182 -17.31 32.13 -23.00
CA ASP D 182 -17.66 32.68 -24.31
C ASP D 182 -16.45 32.62 -25.24
N PRO D 183 -16.05 31.43 -25.67
CA PRO D 183 -14.89 31.30 -26.55
C PRO D 183 -15.28 31.27 -28.02
N GLU D 184 -14.35 31.75 -28.85
CA GLU D 184 -14.52 31.66 -30.29
C GLU D 184 -14.26 30.24 -30.80
N ILE D 185 -13.61 29.41 -29.99
CA ILE D 185 -13.27 28.04 -30.36
C ILE D 185 -13.72 27.12 -29.24
N LEU D 186 -14.13 25.91 -29.62
CA LEU D 186 -14.60 24.93 -28.67
C LEU D 186 -14.01 23.57 -29.04
N LEU D 187 -13.12 23.06 -28.20
CA LEU D 187 -12.47 21.79 -28.41
C LEU D 187 -13.21 20.71 -27.63
N MET D 188 -13.40 19.56 -28.26
CA MET D 188 -14.12 18.45 -27.63
C MET D 188 -13.40 17.16 -27.99
N ASP D 189 -12.94 16.46 -26.96
CA ASP D 189 -12.14 15.24 -27.12
C ASP D 189 -12.92 14.06 -26.56
N GLU D 190 -13.56 13.31 -27.45
CA GLU D 190 -14.32 12.12 -27.05
C GLU D 190 -15.36 12.48 -26.01
N ALA D 191 -16.06 13.58 -26.23
CA ALA D 191 -16.96 14.13 -25.21
C ALA D 191 -17.98 13.10 -24.76
N PHE D 192 -18.47 12.27 -25.68
CA PHE D 192 -19.57 11.35 -25.41
C PHE D 192 -19.13 9.90 -25.56
N SER D 193 -17.91 9.58 -25.15
CA SER D 193 -17.41 8.21 -25.23
C SER D 193 -17.76 7.38 -24.01
N ALA D 194 -18.47 7.94 -23.04
CA ALA D 194 -18.84 7.22 -21.82
C ALA D 194 -20.33 7.34 -21.52
N LEU D 195 -21.13 7.68 -22.51
CA LEU D 195 -22.58 7.80 -22.36
C LEU D 195 -23.27 6.67 -23.11
N ASP D 196 -24.59 6.62 -22.95
CA ASP D 196 -25.38 5.62 -23.67
C ASP D 196 -25.82 6.17 -25.02
N PRO D 197 -26.08 5.28 -25.99
CA PRO D 197 -26.39 5.77 -27.35
C PRO D 197 -27.51 6.79 -27.40
N LEU D 198 -28.55 6.63 -26.59
CA LEU D 198 -29.69 7.54 -26.69
C LEU D 198 -29.35 8.92 -26.12
N ILE D 199 -28.78 8.96 -24.92
CA ILE D 199 -28.36 10.24 -24.37
C ILE D 199 -27.21 10.81 -25.18
N ARG D 200 -26.39 9.94 -25.79
CA ARG D 200 -25.38 10.38 -26.74
C ARG D 200 -26.02 11.18 -27.86
N ARG D 201 -27.00 10.60 -28.54
CA ARG D 201 -27.70 11.28 -29.61
C ARG D 201 -28.36 12.56 -29.13
N GLU D 202 -28.89 12.54 -27.91
CA GLU D 202 -29.53 13.73 -27.36
C GLU D 202 -28.51 14.86 -27.20
N MET D 203 -27.34 14.56 -26.65
CA MET D 203 -26.30 15.57 -26.53
C MET D 203 -25.86 16.05 -27.91
N GLN D 204 -25.83 15.15 -28.89
CA GLN D 204 -25.50 15.56 -30.26
C GLN D 204 -26.49 16.61 -30.75
N ASP D 205 -27.78 16.35 -30.56
CA ASP D 205 -28.80 17.28 -31.02
C ASP D 205 -28.71 18.60 -30.27
N GLU D 206 -28.42 18.54 -28.96
CA GLU D 206 -28.26 19.76 -28.19
C GLU D 206 -27.10 20.59 -28.72
N LEU D 207 -25.98 19.92 -29.00
CA LEU D 207 -24.82 20.61 -29.54
C LEU D 207 -25.14 21.27 -30.87
N LEU D 208 -25.86 20.56 -31.73
CA LEU D 208 -26.17 21.12 -33.04
C LEU D 208 -27.10 22.32 -32.93
N GLU D 209 -28.14 22.22 -32.11
CA GLU D 209 -29.05 23.34 -31.95
C GLU D 209 -28.34 24.54 -31.35
N LEU D 210 -27.41 24.32 -30.42
CA LEU D 210 -26.68 25.43 -29.83
C LEU D 210 -25.74 26.07 -30.85
N GLN D 211 -25.04 25.25 -31.64
CA GLN D 211 -24.16 25.78 -32.67
C GLN D 211 -24.96 26.62 -33.66
N ALA D 212 -26.07 26.10 -34.15
CA ALA D 212 -26.89 26.85 -35.10
C ALA D 212 -27.40 28.13 -34.49
N LYS D 213 -27.84 28.07 -33.23
CA LYS D 213 -28.27 29.28 -32.53
C LYS D 213 -27.08 30.20 -32.27
N PHE D 214 -26.09 29.71 -31.53
CA PHE D 214 -24.86 30.45 -31.24
C PHE D 214 -23.74 29.85 -32.06
N GLN D 215 -23.28 30.59 -33.06
CA GLN D 215 -22.25 30.11 -33.96
C GLN D 215 -20.87 30.33 -33.39
N LYS D 216 -20.01 29.33 -33.52
CA LYS D 216 -18.62 29.45 -33.12
C LYS D 216 -17.86 28.21 -33.56
N THR D 217 -16.56 28.39 -33.80
CA THR D 217 -15.74 27.30 -34.31
C THR D 217 -15.69 26.15 -33.32
N ILE D 218 -15.78 24.93 -33.84
CA ILE D 218 -15.76 23.73 -33.04
C ILE D 218 -14.77 22.75 -33.65
N ILE D 219 -14.03 22.06 -32.78
CA ILE D 219 -13.19 20.94 -33.15
C ILE D 219 -13.61 19.77 -32.30
N PHE D 220 -13.69 18.59 -32.92
CA PHE D 220 -14.38 17.45 -32.34
C PHE D 220 -13.62 16.18 -32.68
N VAL D 221 -13.42 15.33 -31.68
CA VAL D 221 -12.84 14.01 -31.88
C VAL D 221 -13.91 12.97 -31.61
N SER D 222 -13.91 11.92 -32.43
CA SER D 222 -14.87 10.82 -32.29
C SER D 222 -14.32 9.62 -33.02
N HIS D 223 -14.98 8.48 -32.83
CA HIS D 223 -14.57 7.23 -33.44
C HIS D 223 -15.68 6.54 -34.22
N ASP D 224 -16.91 7.04 -34.16
CA ASP D 224 -18.01 6.53 -34.96
C ASP D 224 -18.24 7.44 -36.15
N LEU D 225 -18.42 6.84 -37.33
CA LEU D 225 -18.64 7.63 -38.53
C LEU D 225 -20.09 8.11 -38.63
N ASN D 226 -21.03 7.37 -38.05
CA ASN D 226 -22.43 7.77 -38.10
C ASN D 226 -22.64 9.07 -37.32
N GLU D 227 -22.24 9.07 -36.05
CA GLU D 227 -22.35 10.29 -35.26
C GLU D 227 -21.60 11.43 -35.93
N ALA D 228 -20.46 11.14 -36.52
CA ALA D 228 -19.69 12.16 -37.21
C ALA D 228 -20.53 12.81 -38.29
N LEU D 229 -20.94 12.00 -39.27
CA LEU D 229 -21.76 12.51 -40.38
C LEU D 229 -22.99 13.23 -39.85
N ARG D 230 -23.47 12.85 -38.66
CA ARG D 230 -24.53 13.62 -38.03
C ARG D 230 -24.02 14.98 -37.58
N ILE D 231 -22.75 15.05 -37.20
CA ILE D 231 -22.12 16.32 -36.81
C ILE D 231 -21.24 16.89 -37.91
N GLY D 232 -20.85 16.10 -38.91
CA GLY D 232 -19.79 16.49 -39.81
C GLY D 232 -20.13 17.59 -40.77
N ASP D 233 -19.55 18.77 -40.55
CA ASP D 233 -19.53 19.83 -41.55
C ASP D 233 -18.26 19.79 -42.39
N ARG D 234 -17.15 19.36 -41.81
CA ARG D 234 -15.92 19.09 -42.54
C ARG D 234 -15.16 18.02 -41.77
N ILE D 235 -15.40 16.77 -42.12
CA ILE D 235 -14.79 15.65 -41.43
C ILE D 235 -13.39 15.42 -42.00
N ALA D 236 -12.51 14.89 -41.16
CA ALA D 236 -11.13 14.61 -41.56
C ALA D 236 -10.61 13.49 -40.66
N ILE D 237 -10.54 12.28 -41.22
CA ILE D 237 -10.09 11.11 -40.47
C ILE D 237 -8.57 11.11 -40.39
N MET D 238 -8.03 10.24 -39.53
CA MET D 238 -6.59 10.18 -39.32
C MET D 238 -6.19 8.74 -38.99
N LYS D 239 -4.99 8.37 -39.39
CA LYS D 239 -4.42 7.07 -39.05
C LYS D 239 -2.91 7.19 -39.07
N ASP D 240 -2.26 6.42 -38.20
CA ASP D 240 -0.81 6.47 -38.05
C ASP D 240 -0.33 7.92 -37.85
N GLY D 241 -1.19 8.72 -37.25
CA GLY D 241 -0.83 10.12 -36.97
C GLY D 241 -0.72 10.97 -38.20
N LYS D 242 -1.48 10.67 -39.25
CA LYS D 242 -1.44 11.44 -40.48
C LYS D 242 -2.86 11.66 -40.98
N ILE D 243 -3.23 12.94 -41.16
CA ILE D 243 -4.49 13.27 -41.79
C ILE D 243 -4.46 12.79 -43.25
N MET D 244 -5.62 12.41 -43.75
CA MET D 244 -5.74 11.88 -45.10
C MET D 244 -6.78 12.57 -45.96
N GLN D 245 -7.74 13.27 -45.37
CA GLN D 245 -8.78 13.92 -46.15
C GLN D 245 -9.51 14.92 -45.29
N ILE D 246 -10.29 15.78 -45.95
CA ILE D 246 -11.13 16.78 -45.29
C ILE D 246 -12.51 16.80 -45.94
N GLY D 247 -13.10 15.62 -46.09
CA GLY D 247 -14.33 15.48 -46.86
C GLY D 247 -15.58 15.60 -46.01
N THR D 248 -16.53 16.41 -46.49
CA THR D 248 -17.82 16.54 -45.83
C THR D 248 -18.75 15.40 -46.21
N GLY D 249 -19.11 15.32 -47.49
CA GLY D 249 -19.98 14.26 -47.97
C GLY D 249 -19.28 13.36 -48.95
N GLU D 250 -17.97 13.58 -49.14
CA GLU D 250 -17.17 12.75 -50.04
C GLU D 250 -16.32 11.73 -49.31
N GLU D 251 -16.03 11.95 -48.04
CA GLU D 251 -15.25 10.99 -47.27
C GLU D 251 -15.77 9.58 -47.48
N ILE D 252 -17.07 9.38 -47.34
CA ILE D 252 -17.65 8.06 -47.54
C ILE D 252 -17.73 7.70 -49.02
N LEU D 253 -17.60 8.68 -49.92
CA LEU D 253 -17.54 8.40 -51.35
C LEU D 253 -16.12 8.00 -51.75
N THR D 254 -15.18 8.91 -51.60
CA THR D 254 -13.78 8.66 -51.93
C THR D 254 -13.11 7.91 -50.77
N ASN D 255 -12.34 6.88 -51.11
CA ASN D 255 -11.68 6.02 -50.12
C ASN D 255 -10.21 5.88 -50.50
N PRO D 256 -9.41 6.94 -50.30
CA PRO D 256 -7.98 6.84 -50.63
C PRO D 256 -7.21 5.96 -49.66
N ALA D 257 -6.83 4.77 -50.11
CA ALA D 257 -5.98 3.86 -49.33
C ALA D 257 -6.54 3.65 -47.93
N ASN D 258 -7.80 3.25 -47.85
CA ASN D 258 -8.43 2.98 -46.57
C ASN D 258 -9.70 2.17 -46.81
N ASP D 259 -9.78 1.00 -46.17
CA ASP D 259 -11.00 0.21 -46.17
C ASP D 259 -11.87 0.51 -44.96
N TYR D 260 -11.30 1.11 -43.91
CA TYR D 260 -12.08 1.48 -42.74
C TYR D 260 -13.27 2.36 -43.12
N VAL D 261 -13.12 3.19 -44.15
CA VAL D 261 -14.19 4.07 -44.58
C VAL D 261 -15.41 3.28 -45.05
N LYS D 262 -15.23 2.01 -45.38
CA LYS D 262 -16.32 1.18 -45.90
C LYS D 262 -16.77 1.71 -47.27
#